data_2EPZ
#
_entry.id   2EPZ
#
loop_
_entity.id
_entity.type
_entity.pdbx_description
1 polymer 'Zinc finger protein 28 homolog'
2 non-polymer 'ZINC ION'
#
_entity_poly.entity_id   1
_entity_poly.type   'polypeptide(L)'
_entity_poly.pdbx_seq_one_letter_code
;GSSGSSGTGEKPFDCIDCGKAFSDHIGLNQHRRIHTGEKPSGPSSG
;
_entity_poly.pdbx_strand_id   A
#
# COMPACT_ATOMS: atom_id res chain seq x y z
N GLY A 1 -2.29 8.70 -9.52
CA GLY A 1 -1.64 9.90 -10.00
C GLY A 1 -1.30 10.88 -8.90
N SER A 2 -0.02 10.96 -8.55
CA SER A 2 0.43 11.86 -7.50
C SER A 2 1.04 13.13 -8.09
N SER A 3 0.89 14.24 -7.38
CA SER A 3 1.42 15.52 -7.83
C SER A 3 2.41 16.09 -6.81
N GLY A 4 3.22 17.05 -7.25
CA GLY A 4 4.19 17.66 -6.36
C GLY A 4 5.44 16.82 -6.22
N SER A 5 6.55 17.33 -6.76
CA SER A 5 7.82 16.61 -6.69
C SER A 5 8.52 16.89 -5.36
N SER A 6 8.70 18.16 -5.04
CA SER A 6 9.35 18.56 -3.80
C SER A 6 8.40 18.41 -2.61
N GLY A 7 8.97 18.06 -1.46
CA GLY A 7 8.17 17.88 -0.26
C GLY A 7 7.63 16.47 -0.14
N THR A 8 8.48 15.49 -0.37
CA THR A 8 8.08 14.08 -0.29
C THR A 8 7.85 13.67 1.17
N GLY A 9 8.80 14.02 2.03
CA GLY A 9 8.69 13.67 3.44
C GLY A 9 9.24 12.30 3.73
N GLU A 10 9.06 11.85 4.98
CA GLU A 10 9.55 10.53 5.40
C GLU A 10 8.41 9.52 5.43
N LYS A 11 8.51 8.50 4.59
CA LYS A 11 7.49 7.46 4.52
C LYS A 11 8.10 6.12 4.15
N PRO A 12 8.79 5.50 5.13
CA PRO A 12 9.45 4.19 4.92
C PRO A 12 8.44 3.06 4.77
N PHE A 13 7.19 3.33 5.14
CA PHE A 13 6.13 2.33 5.04
C PHE A 13 5.20 2.63 3.86
N ASP A 14 5.67 2.32 2.66
CA ASP A 14 4.88 2.56 1.46
C ASP A 14 4.41 1.24 0.85
N CYS A 15 3.09 1.10 0.69
CA CYS A 15 2.51 -0.11 0.14
C CYS A 15 3.12 -0.42 -1.22
N ILE A 16 3.80 -1.57 -1.31
CA ILE A 16 4.43 -1.99 -2.55
C ILE A 16 3.42 -2.68 -3.47
N ASP A 17 2.26 -2.99 -2.93
CA ASP A 17 1.21 -3.65 -3.71
C ASP A 17 0.59 -2.68 -4.71
N CYS A 18 0.21 -1.50 -4.22
CA CYS A 18 -0.40 -0.48 -5.07
C CYS A 18 0.55 0.69 -5.28
N GLY A 19 1.31 1.01 -4.25
CA GLY A 19 2.26 2.12 -4.35
C GLY A 19 1.90 3.27 -3.43
N LYS A 20 1.10 2.98 -2.41
CA LYS A 20 0.68 3.99 -1.46
C LYS A 20 1.81 4.33 -0.48
N ALA A 21 1.57 5.32 0.36
CA ALA A 21 2.57 5.74 1.36
C ALA A 21 1.95 5.84 2.75
N PHE A 22 2.74 5.50 3.76
CA PHE A 22 2.28 5.57 5.14
C PHE A 22 3.42 5.86 6.09
N SER A 23 3.13 6.60 7.15
CA SER A 23 4.14 6.98 8.13
C SER A 23 4.00 6.13 9.40
N ASP A 24 3.51 4.91 9.23
CA ASP A 24 3.33 4.00 10.37
C ASP A 24 3.09 2.58 9.88
N HIS A 25 3.81 1.63 10.47
CA HIS A 25 3.68 0.22 10.10
C HIS A 25 2.22 -0.21 10.13
N ILE A 26 1.58 -0.03 11.29
CA ILE A 26 0.18 -0.41 11.45
C ILE A 26 -0.68 0.17 10.34
N GLY A 27 -0.47 1.45 10.04
CA GLY A 27 -1.24 2.10 8.99
C GLY A 27 -1.07 1.43 7.64
N LEU A 28 0.14 0.95 7.36
CA LEU A 28 0.42 0.27 6.09
C LEU A 28 -0.22 -1.10 6.07
N ASN A 29 0.14 -1.94 7.05
CA ASN A 29 -0.41 -3.28 7.14
C ASN A 29 -1.94 -3.27 7.10
N GLN A 30 -2.52 -2.36 7.87
CA GLN A 30 -3.97 -2.24 7.93
C GLN A 30 -4.55 -1.93 6.54
N HIS A 31 -3.73 -1.31 5.70
CA HIS A 31 -4.16 -0.96 4.35
C HIS A 31 -3.96 -2.12 3.39
N ARG A 32 -2.93 -2.93 3.64
CA ARG A 32 -2.63 -4.08 2.80
C ARG A 32 -3.75 -5.11 2.87
N ARG A 33 -4.62 -4.96 3.86
CA ARG A 33 -5.74 -5.89 4.04
C ARG A 33 -6.57 -5.97 2.76
N ILE A 34 -6.55 -4.91 1.97
CA ILE A 34 -7.30 -4.87 0.72
C ILE A 34 -6.67 -5.77 -0.34
N HIS A 35 -5.36 -5.95 -0.24
CA HIS A 35 -4.63 -6.79 -1.19
C HIS A 35 -4.52 -8.23 -0.67
N THR A 36 -4.20 -8.37 0.61
CA THR A 36 -4.07 -9.69 1.22
C THR A 36 -5.41 -10.42 1.23
N GLY A 37 -5.44 -11.58 0.58
CA GLY A 37 -6.67 -12.36 0.53
C GLY A 37 -6.99 -12.84 -0.87
N GLU A 38 -7.19 -11.90 -1.79
CA GLU A 38 -7.51 -12.24 -3.16
C GLU A 38 -6.25 -12.23 -4.03
N LYS A 39 -6.04 -13.33 -4.75
CA LYS A 39 -4.87 -13.46 -5.63
C LYS A 39 -5.29 -13.58 -7.08
N PRO A 40 -4.35 -13.30 -8.00
CA PRO A 40 -4.60 -13.37 -9.44
C PRO A 40 -4.79 -14.80 -9.92
N SER A 41 -5.88 -15.05 -10.65
CA SER A 41 -6.17 -16.38 -11.16
C SER A 41 -5.83 -16.48 -12.65
N GLY A 42 -5.97 -17.67 -13.22
CA GLY A 42 -5.68 -17.87 -14.62
C GLY A 42 -4.32 -18.50 -14.84
N PRO A 43 -3.87 -18.50 -16.10
CA PRO A 43 -2.57 -19.08 -16.47
C PRO A 43 -1.40 -18.24 -15.96
N SER A 44 -1.55 -16.92 -16.02
CA SER A 44 -0.51 -16.01 -15.56
C SER A 44 -1.07 -14.98 -14.59
N SER A 45 -0.19 -14.38 -13.80
CA SER A 45 -0.61 -13.38 -12.82
C SER A 45 -0.75 -12.00 -13.47
N GLY A 46 0.35 -11.52 -14.05
CA GLY A 46 0.33 -10.22 -14.71
C GLY A 46 1.68 -9.53 -14.68
N GLY A 1 9.28 27.84 -13.64
CA GLY A 1 9.34 27.73 -12.19
C GLY A 1 10.76 27.71 -11.67
N SER A 2 11.10 26.69 -10.89
CA SER A 2 12.44 26.57 -10.31
C SER A 2 12.98 25.15 -10.51
N SER A 3 14.17 24.90 -9.96
CA SER A 3 14.80 23.59 -10.07
C SER A 3 14.85 22.89 -8.72
N GLY A 4 15.09 21.58 -8.74
CA GLY A 4 15.16 20.82 -7.52
C GLY A 4 13.91 20.00 -7.28
N SER A 5 13.77 18.91 -8.03
CA SER A 5 12.61 18.04 -7.90
C SER A 5 12.76 17.09 -6.71
N SER A 6 12.18 17.47 -5.57
CA SER A 6 12.27 16.66 -4.37
C SER A 6 11.01 16.81 -3.51
N GLY A 7 10.47 15.70 -3.06
CA GLY A 7 9.27 15.74 -2.23
C GLY A 7 9.54 16.25 -0.83
N THR A 8 8.69 15.86 0.12
CA THR A 8 8.84 16.28 1.51
C THR A 8 8.15 15.31 2.45
N GLY A 9 8.87 14.90 3.49
CA GLY A 9 8.32 13.96 4.46
C GLY A 9 8.87 12.57 4.30
N GLU A 10 9.06 11.88 5.42
CA GLU A 10 9.59 10.51 5.40
C GLU A 10 8.46 9.49 5.45
N LYS A 11 8.50 8.52 4.55
CA LYS A 11 7.49 7.48 4.48
C LYS A 11 8.10 6.14 4.12
N PRO A 12 8.78 5.52 5.10
CA PRO A 12 9.43 4.21 4.91
C PRO A 12 8.43 3.07 4.76
N PHE A 13 7.18 3.35 5.12
CA PHE A 13 6.12 2.35 5.03
C PHE A 13 5.19 2.64 3.85
N ASP A 14 5.66 2.34 2.65
CA ASP A 14 4.87 2.57 1.45
C ASP A 14 4.40 1.26 0.84
N CYS A 15 3.09 1.12 0.69
CA CYS A 15 2.52 -0.10 0.13
C CYS A 15 3.14 -0.42 -1.23
N ILE A 16 3.81 -1.55 -1.32
CA ILE A 16 4.45 -1.97 -2.57
C ILE A 16 3.45 -2.66 -3.48
N ASP A 17 2.28 -3.00 -2.95
CA ASP A 17 1.25 -3.65 -3.73
C ASP A 17 0.61 -2.69 -4.72
N CYS A 18 0.22 -1.51 -4.24
CA CYS A 18 -0.39 -0.50 -5.08
C CYS A 18 0.55 0.68 -5.29
N GLY A 19 1.33 1.01 -4.26
CA GLY A 19 2.26 2.12 -4.36
C GLY A 19 1.90 3.26 -3.44
N LYS A 20 1.09 2.98 -2.42
CA LYS A 20 0.67 3.99 -1.47
C LYS A 20 1.79 4.33 -0.49
N ALA A 21 1.55 5.32 0.36
CA ALA A 21 2.54 5.74 1.34
C ALA A 21 1.93 5.84 2.73
N PHE A 22 2.71 5.52 3.75
CA PHE A 22 2.25 5.57 5.13
C PHE A 22 3.40 5.87 6.08
N SER A 23 3.10 6.61 7.14
CA SER A 23 4.11 6.99 8.13
C SER A 23 3.97 6.14 9.39
N ASP A 24 3.48 4.92 9.23
CA ASP A 24 3.30 4.01 10.36
C ASP A 24 3.07 2.58 9.87
N HIS A 25 3.80 1.64 10.46
CA HIS A 25 3.68 0.24 10.09
C HIS A 25 2.22 -0.21 10.13
N ILE A 26 1.58 -0.02 11.28
CA ILE A 26 0.19 -0.42 11.45
C ILE A 26 -0.68 0.16 10.33
N GLY A 27 -0.47 1.44 10.02
CA GLY A 27 -1.24 2.08 8.98
C GLY A 27 -1.07 1.40 7.64
N LEU A 28 0.14 0.95 7.35
CA LEU A 28 0.42 0.27 6.09
C LEU A 28 -0.21 -1.12 6.05
N ASN A 29 0.15 -1.94 7.04
CA ASN A 29 -0.38 -3.30 7.12
C ASN A 29 -1.91 -3.29 7.08
N GLN A 30 -2.51 -2.39 7.86
CA GLN A 30 -3.96 -2.28 7.91
C GLN A 30 -4.53 -1.97 6.54
N HIS A 31 -3.72 -1.35 5.68
CA HIS A 31 -4.14 -0.99 4.34
C HIS A 31 -3.94 -2.16 3.38
N ARG A 32 -2.91 -2.96 3.63
CA ARG A 32 -2.60 -4.11 2.78
C ARG A 32 -3.72 -5.14 2.86
N ARG A 33 -4.59 -5.00 3.85
CA ARG A 33 -5.70 -5.93 4.02
C ARG A 33 -6.53 -6.03 2.74
N ILE A 34 -6.52 -4.96 1.96
CA ILE A 34 -7.26 -4.92 0.71
C ILE A 34 -6.62 -5.82 -0.35
N HIS A 35 -5.31 -6.00 -0.25
CA HIS A 35 -4.58 -6.83 -1.19
C HIS A 35 -4.48 -8.26 -0.68
N THR A 36 -4.15 -8.40 0.60
CA THR A 36 -4.01 -9.72 1.21
C THR A 36 -5.37 -10.39 1.39
N GLY A 37 -5.62 -11.43 0.59
CA GLY A 37 -6.88 -12.14 0.67
C GLY A 37 -7.30 -12.72 -0.66
N GLU A 38 -7.07 -11.96 -1.73
CA GLU A 38 -7.44 -12.42 -3.08
C GLU A 38 -6.79 -13.76 -3.40
N LYS A 39 -7.60 -14.69 -3.90
CA LYS A 39 -7.11 -16.02 -4.24
C LYS A 39 -6.59 -16.75 -3.01
N PRO A 40 -6.49 -18.08 -3.11
CA PRO A 40 -6.01 -18.93 -2.01
C PRO A 40 -4.52 -18.74 -1.74
N SER A 41 -4.11 -19.02 -0.50
CA SER A 41 -2.71 -18.88 -0.12
C SER A 41 -1.91 -20.12 -0.50
N GLY A 42 -0.60 -20.07 -0.29
CA GLY A 42 0.25 -21.19 -0.61
C GLY A 42 1.37 -21.38 0.40
N PRO A 43 1.02 -21.90 1.59
CA PRO A 43 1.98 -22.14 2.67
C PRO A 43 2.93 -23.27 2.34
N SER A 44 2.47 -24.22 1.54
CA SER A 44 3.28 -25.37 1.15
C SER A 44 4.25 -25.00 0.04
N SER A 45 3.71 -24.63 -1.11
CA SER A 45 4.53 -24.24 -2.25
C SER A 45 4.69 -22.73 -2.34
N GLY A 46 5.93 -22.27 -2.39
CA GLY A 46 6.19 -20.85 -2.48
C GLY A 46 7.25 -20.39 -1.50
N GLY A 1 -7.49 7.79 -12.77
CA GLY A 1 -6.55 7.32 -11.76
C GLY A 1 -5.34 8.20 -11.63
N SER A 2 -5.56 9.48 -11.33
CA SER A 2 -4.47 10.44 -11.18
C SER A 2 -4.29 10.84 -9.72
N SER A 3 -3.61 9.99 -8.96
CA SER A 3 -3.37 10.26 -7.54
C SER A 3 -1.90 10.49 -7.27
N GLY A 4 -1.59 11.59 -6.58
CA GLY A 4 -0.21 11.90 -6.27
C GLY A 4 -0.08 13.11 -5.37
N SER A 5 0.04 12.88 -4.07
CA SER A 5 0.16 13.97 -3.10
C SER A 5 1.62 14.36 -2.91
N SER A 6 1.85 15.37 -2.09
CA SER A 6 3.20 15.85 -1.82
C SER A 6 3.23 16.74 -0.57
N GLY A 7 4.41 16.88 0.02
CA GLY A 7 4.55 17.70 1.21
C GLY A 7 5.94 17.63 1.80
N THR A 8 6.10 16.83 2.85
CA THR A 8 7.39 16.68 3.52
C THR A 8 7.36 15.53 4.51
N GLY A 9 8.53 15.17 5.03
CA GLY A 9 8.62 14.08 5.99
C GLY A 9 9.19 12.82 5.39
N GLU A 10 9.08 11.71 6.12
CA GLU A 10 9.59 10.43 5.64
C GLU A 10 8.52 9.35 5.72
N LYS A 11 8.32 8.64 4.62
CA LYS A 11 7.33 7.58 4.55
C LYS A 11 7.96 6.26 4.14
N PRO A 12 8.69 5.63 5.07
CA PRO A 12 9.36 4.35 4.83
C PRO A 12 8.38 3.19 4.68
N PHE A 13 7.13 3.43 5.08
CA PHE A 13 6.10 2.41 4.99
C PHE A 13 5.16 2.69 3.82
N ASP A 14 5.64 2.39 2.61
CA ASP A 14 4.84 2.61 1.40
C ASP A 14 4.41 1.28 0.79
N CYS A 15 3.10 1.10 0.64
CA CYS A 15 2.55 -0.12 0.07
C CYS A 15 3.17 -0.42 -1.28
N ILE A 16 3.88 -1.54 -1.37
CA ILE A 16 4.53 -1.94 -2.61
C ILE A 16 3.55 -2.65 -3.54
N ASP A 17 2.39 -3.00 -3.00
CA ASP A 17 1.36 -3.68 -3.78
C ASP A 17 0.71 -2.74 -4.78
N CYS A 18 0.30 -1.57 -4.29
CA CYS A 18 -0.34 -0.57 -5.14
C CYS A 18 0.58 0.63 -5.35
N GLY A 19 1.34 0.97 -4.32
CA GLY A 19 2.24 2.10 -4.41
C GLY A 19 1.86 3.24 -3.49
N LYS A 20 1.06 2.93 -2.47
CA LYS A 20 0.61 3.93 -1.51
C LYS A 20 1.73 4.30 -0.54
N ALA A 21 1.46 5.28 0.32
CA ALA A 21 2.45 5.72 1.30
C ALA A 21 1.82 5.81 2.70
N PHE A 22 2.62 5.50 3.71
CA PHE A 22 2.15 5.53 5.09
C PHE A 22 3.29 5.87 6.04
N SER A 23 2.97 6.60 7.11
CA SER A 23 3.97 6.99 8.09
C SER A 23 3.85 6.14 9.35
N ASP A 24 3.38 4.91 9.19
CA ASP A 24 3.21 4.00 10.31
C ASP A 24 3.02 2.57 9.82
N HIS A 25 3.77 1.65 10.42
CA HIS A 25 3.68 0.23 10.05
C HIS A 25 2.23 -0.24 10.08
N ILE A 26 1.59 -0.09 11.23
CA ILE A 26 0.20 -0.50 11.39
C ILE A 26 -0.68 0.05 10.27
N GLY A 27 -0.49 1.34 9.97
CA GLY A 27 -1.28 1.97 8.92
C GLY A 27 -1.09 1.29 7.57
N LEU A 28 0.13 0.87 7.29
CA LEU A 28 0.44 0.20 6.04
C LEU A 28 -0.16 -1.20 6.00
N ASN A 29 0.22 -2.02 6.98
CA ASN A 29 -0.28 -3.39 7.07
C ASN A 29 -1.81 -3.41 7.02
N GLN A 30 -2.44 -2.53 7.79
CA GLN A 30 -3.89 -2.46 7.85
C GLN A 30 -4.47 -2.15 6.46
N HIS A 31 -3.67 -1.52 5.62
CA HIS A 31 -4.09 -1.17 4.27
C HIS A 31 -3.86 -2.32 3.31
N ARG A 32 -2.81 -3.11 3.57
CA ARG A 32 -2.48 -4.24 2.73
C ARG A 32 -3.57 -5.31 2.79
N ARG A 33 -4.44 -5.19 3.78
CA ARG A 33 -5.54 -6.14 3.95
C ARG A 33 -6.36 -6.25 2.67
N ILE A 34 -6.37 -5.18 1.88
CA ILE A 34 -7.12 -5.17 0.63
C ILE A 34 -6.46 -6.04 -0.42
N HIS A 35 -5.14 -6.19 -0.33
CA HIS A 35 -4.39 -7.01 -1.27
C HIS A 35 -4.25 -8.44 -0.77
N THR A 36 -3.93 -8.57 0.52
CA THR A 36 -3.76 -9.88 1.13
C THR A 36 -5.10 -10.60 1.28
N GLY A 37 -6.16 -9.81 1.48
CA GLY A 37 -7.48 -10.38 1.64
C GLY A 37 -8.00 -10.99 0.36
N GLU A 38 -8.39 -10.14 -0.59
CA GLU A 38 -8.91 -10.60 -1.86
C GLU A 38 -7.94 -11.57 -2.53
N LYS A 39 -8.43 -12.28 -3.55
CA LYS A 39 -7.61 -13.24 -4.28
C LYS A 39 -7.50 -12.87 -5.75
N PRO A 40 -6.48 -13.41 -6.43
CA PRO A 40 -6.26 -13.15 -7.85
C PRO A 40 -7.32 -13.80 -8.74
N SER A 41 -7.10 -13.76 -10.05
CA SER A 41 -8.04 -14.33 -11.00
C SER A 41 -7.31 -15.00 -12.16
N GLY A 42 -8.06 -15.59 -13.08
CA GLY A 42 -7.46 -16.26 -14.22
C GLY A 42 -8.18 -17.53 -14.59
N PRO A 43 -9.40 -17.40 -15.13
CA PRO A 43 -10.23 -18.55 -15.53
C PRO A 43 -9.65 -19.26 -16.76
N SER A 44 -9.51 -20.58 -16.65
CA SER A 44 -8.97 -21.37 -17.75
C SER A 44 -10.03 -21.60 -18.82
N SER A 45 -9.58 -21.80 -20.06
CA SER A 45 -10.49 -22.03 -21.17
C SER A 45 -10.53 -23.51 -21.54
N GLY A 46 -9.37 -24.07 -21.84
CA GLY A 46 -9.28 -25.47 -22.21
C GLY A 46 -7.90 -25.87 -22.70
N GLY A 1 -4.86 16.33 -17.86
CA GLY A 1 -4.09 17.35 -17.20
C GLY A 1 -2.72 16.87 -16.79
N SER A 2 -2.28 17.31 -15.61
CA SER A 2 -0.96 16.92 -15.10
C SER A 2 -1.00 16.77 -13.58
N SER A 3 -0.15 15.88 -13.07
CA SER A 3 -0.08 15.63 -11.63
C SER A 3 1.37 15.47 -11.17
N GLY A 4 1.65 15.93 -9.96
CA GLY A 4 3.00 15.82 -9.42
C GLY A 4 3.19 16.67 -8.18
N SER A 5 2.49 16.30 -7.10
CA SER A 5 2.60 17.04 -5.85
C SER A 5 3.60 16.38 -4.91
N SER A 6 4.58 17.16 -4.46
CA SER A 6 5.61 16.65 -3.57
C SER A 6 5.32 17.05 -2.12
N GLY A 7 5.97 16.37 -1.19
CA GLY A 7 5.78 16.67 0.22
C GLY A 7 6.95 16.25 1.07
N THR A 8 7.65 17.23 1.65
CA THR A 8 8.80 16.96 2.49
C THR A 8 8.41 16.12 3.70
N GLY A 9 8.79 14.83 3.66
CA GLY A 9 8.46 13.94 4.76
C GLY A 9 9.10 12.58 4.59
N GLU A 10 9.04 11.76 5.65
CA GLU A 10 9.62 10.43 5.61
C GLU A 10 8.52 9.37 5.67
N LYS A 11 8.41 8.58 4.61
CA LYS A 11 7.41 7.53 4.53
C LYS A 11 8.05 6.20 4.15
N PRO A 12 8.74 5.58 5.11
CA PRO A 12 9.42 4.29 4.90
C PRO A 12 8.42 3.14 4.74
N PHE A 13 7.17 3.38 5.11
CA PHE A 13 6.13 2.37 5.01
C PHE A 13 5.20 2.66 3.83
N ASP A 14 5.67 2.37 2.63
CA ASP A 14 4.88 2.59 1.43
C ASP A 14 4.42 1.26 0.83
N CYS A 15 3.11 1.13 0.66
CA CYS A 15 2.54 -0.09 0.10
C CYS A 15 3.14 -0.40 -1.26
N ILE A 16 3.83 -1.54 -1.35
CA ILE A 16 4.47 -1.96 -2.59
C ILE A 16 3.47 -2.65 -3.52
N ASP A 17 2.30 -2.98 -2.98
CA ASP A 17 1.26 -3.64 -3.75
C ASP A 17 0.63 -2.67 -4.75
N CYS A 18 0.24 -1.49 -4.26
CA CYS A 18 -0.38 -0.48 -5.12
C CYS A 18 0.57 0.70 -5.32
N GLY A 19 1.33 1.03 -4.29
CA GLY A 19 2.26 2.13 -4.38
C GLY A 19 1.89 3.28 -3.46
N LYS A 20 1.11 2.98 -2.44
CA LYS A 20 0.67 4.00 -1.48
C LYS A 20 1.79 4.34 -0.51
N ALA A 21 1.55 5.33 0.34
CA ALA A 21 2.53 5.75 1.33
C ALA A 21 1.92 5.84 2.72
N PHE A 22 2.71 5.52 3.74
CA PHE A 22 2.24 5.56 5.11
C PHE A 22 3.39 5.87 6.07
N SER A 23 3.08 6.60 7.13
CA SER A 23 4.09 6.98 8.12
C SER A 23 3.96 6.13 9.38
N ASP A 24 3.48 4.90 9.21
CA ASP A 24 3.30 3.99 10.34
C ASP A 24 3.07 2.57 9.85
N HIS A 25 3.80 1.62 10.44
CA HIS A 25 3.68 0.21 10.06
C HIS A 25 2.23 -0.23 10.10
N ILE A 26 1.58 -0.05 11.25
CA ILE A 26 0.19 -0.44 11.42
C ILE A 26 -0.68 0.14 10.30
N GLY A 27 -0.47 1.42 9.99
CA GLY A 27 -1.24 2.06 8.94
C GLY A 27 -1.07 1.38 7.60
N LEU A 28 0.15 0.93 7.32
CA LEU A 28 0.43 0.26 6.05
C LEU A 28 -0.19 -1.13 6.02
N ASN A 29 0.16 -1.96 7.00
CA ASN A 29 -0.36 -3.31 7.08
C ASN A 29 -1.89 -3.31 7.04
N GLN A 30 -2.49 -2.41 7.82
CA GLN A 30 -3.94 -2.30 7.87
C GLN A 30 -4.52 -1.98 6.49
N HIS A 31 -3.70 -1.37 5.65
CA HIS A 31 -4.13 -1.01 4.31
C HIS A 31 -3.93 -2.17 3.33
N ARG A 32 -2.89 -2.97 3.60
CA ARG A 32 -2.59 -4.11 2.74
C ARG A 32 -3.71 -5.15 2.80
N ARG A 33 -4.58 -5.01 3.80
CA ARG A 33 -5.69 -5.94 3.97
C ARG A 33 -6.53 -6.02 2.70
N ILE A 34 -6.51 -4.95 1.91
CA ILE A 34 -7.26 -4.90 0.66
C ILE A 34 -6.63 -5.79 -0.40
N HIS A 35 -5.32 -5.98 -0.30
CA HIS A 35 -4.60 -6.82 -1.25
C HIS A 35 -4.50 -8.25 -0.76
N THR A 36 -4.17 -8.41 0.53
CA THR A 36 -4.04 -9.73 1.13
C THR A 36 -5.42 -10.37 1.32
N GLY A 37 -5.50 -11.67 1.02
CA GLY A 37 -6.75 -12.38 1.16
C GLY A 37 -7.63 -12.27 -0.07
N GLU A 38 -7.37 -13.11 -1.06
CA GLU A 38 -8.14 -13.09 -2.30
C GLU A 38 -9.41 -13.95 -2.16
N LYS A 39 -10.27 -13.87 -3.16
CA LYS A 39 -11.52 -14.62 -3.15
C LYS A 39 -11.43 -15.83 -4.08
N PRO A 40 -12.32 -16.81 -3.87
CA PRO A 40 -12.36 -18.03 -4.68
C PRO A 40 -12.83 -17.78 -6.10
N SER A 41 -11.93 -17.93 -7.06
CA SER A 41 -12.26 -17.71 -8.47
C SER A 41 -11.77 -18.87 -9.33
N GLY A 42 -11.67 -20.05 -8.72
CA GLY A 42 -11.21 -21.22 -9.44
C GLY A 42 -9.76 -21.55 -9.16
N PRO A 43 -9.32 -22.73 -9.63
CA PRO A 43 -7.94 -23.18 -9.43
C PRO A 43 -6.94 -22.38 -10.26
N SER A 44 -6.35 -21.36 -9.65
CA SER A 44 -5.38 -20.51 -10.32
C SER A 44 -3.97 -20.75 -9.79
N SER A 45 -3.01 -19.98 -10.30
CA SER A 45 -1.63 -20.11 -9.87
C SER A 45 -1.16 -18.85 -9.14
N GLY A 46 -1.22 -17.72 -9.84
CA GLY A 46 -0.81 -16.46 -9.26
C GLY A 46 -0.15 -15.53 -10.27
N GLY A 1 3.36 8.31 -16.68
CA GLY A 1 4.51 8.73 -17.46
C GLY A 1 5.35 9.78 -16.75
N SER A 2 5.41 9.69 -15.43
CA SER A 2 6.17 10.64 -14.63
C SER A 2 6.30 10.17 -13.19
N SER A 3 7.51 10.24 -12.64
CA SER A 3 7.76 9.81 -11.28
C SER A 3 9.05 10.45 -10.74
N GLY A 4 9.39 10.11 -9.50
CA GLY A 4 10.59 10.66 -8.90
C GLY A 4 10.39 12.08 -8.40
N SER A 5 9.78 12.20 -7.21
CA SER A 5 9.53 13.51 -6.63
C SER A 5 9.33 13.40 -5.12
N SER A 6 9.81 14.41 -4.39
CA SER A 6 9.69 14.42 -2.94
C SER A 6 10.04 15.80 -2.39
N GLY A 7 9.53 16.10 -1.19
CA GLY A 7 9.80 17.38 -0.58
C GLY A 7 10.04 17.27 0.92
N THR A 8 9.01 16.85 1.65
CA THR A 8 9.11 16.69 3.10
C THR A 8 8.27 15.51 3.58
N GLY A 9 8.51 15.10 4.82
CA GLY A 9 7.78 13.98 5.39
C GLY A 9 8.30 12.64 4.92
N GLU A 10 8.88 11.87 5.84
CA GLU A 10 9.42 10.56 5.51
C GLU A 10 8.33 9.49 5.57
N LYS A 11 8.31 8.64 4.54
CA LYS A 11 7.32 7.56 4.47
C LYS A 11 7.99 6.24 4.13
N PRO A 12 8.68 5.64 5.10
CA PRO A 12 9.37 4.36 4.92
C PRO A 12 8.41 3.20 4.76
N PHE A 13 7.14 3.43 5.11
CA PHE A 13 6.12 2.40 5.01
C PHE A 13 5.19 2.67 3.84
N ASP A 14 5.65 2.38 2.63
CA ASP A 14 4.87 2.59 1.43
C ASP A 14 4.43 1.26 0.82
N CYS A 15 3.12 1.10 0.66
CA CYS A 15 2.57 -0.12 0.09
C CYS A 15 3.19 -0.43 -1.27
N ILE A 16 3.90 -1.55 -1.35
CA ILE A 16 4.55 -1.96 -2.60
C ILE A 16 3.56 -2.66 -3.52
N ASP A 17 2.40 -3.01 -2.98
CA ASP A 17 1.37 -3.69 -3.76
C ASP A 17 0.72 -2.73 -4.76
N CYS A 18 0.32 -1.57 -4.28
CA CYS A 18 -0.31 -0.56 -5.12
C CYS A 18 0.61 0.63 -5.34
N GLY A 19 1.37 0.97 -4.31
CA GLY A 19 2.28 2.09 -4.40
C GLY A 19 1.88 3.24 -3.48
N LYS A 20 1.10 2.93 -2.46
CA LYS A 20 0.65 3.94 -1.50
C LYS A 20 1.76 4.29 -0.53
N ALA A 21 1.50 5.28 0.33
CA ALA A 21 2.47 5.72 1.32
C ALA A 21 1.85 5.80 2.71
N PHE A 22 2.65 5.48 3.73
CA PHE A 22 2.17 5.52 5.10
C PHE A 22 3.31 5.84 6.06
N SER A 23 3.00 6.58 7.13
CA SER A 23 3.99 6.96 8.11
C SER A 23 3.86 6.11 9.38
N ASP A 24 3.42 4.87 9.21
CA ASP A 24 3.25 3.96 10.33
C ASP A 24 3.05 2.54 9.85
N HIS A 25 3.79 1.60 10.43
CA HIS A 25 3.70 0.20 10.06
C HIS A 25 2.25 -0.28 10.09
N ILE A 26 1.60 -0.11 11.24
CA ILE A 26 0.21 -0.52 11.40
C ILE A 26 -0.67 0.04 10.28
N GLY A 27 -0.47 1.32 9.99
CA GLY A 27 -1.25 1.96 8.94
C GLY A 27 -1.08 1.28 7.59
N LEU A 28 0.15 0.85 7.31
CA LEU A 28 0.46 0.19 6.04
C LEU A 28 -0.15 -1.21 6.00
N ASN A 29 0.21 -2.03 6.99
CA ASN A 29 -0.29 -3.39 7.07
C ASN A 29 -1.82 -3.42 7.03
N GLN A 30 -2.44 -2.52 7.80
CA GLN A 30 -3.89 -2.44 7.85
C GLN A 30 -4.47 -2.13 6.48
N HIS A 31 -3.65 -1.52 5.63
CA HIS A 31 -4.08 -1.16 4.28
C HIS A 31 -3.86 -2.32 3.31
N ARG A 32 -2.81 -3.11 3.57
CA ARG A 32 -2.48 -4.24 2.73
C ARG A 32 -3.58 -5.29 2.78
N ARG A 33 -4.47 -5.18 3.77
CA ARG A 33 -5.56 -6.12 3.94
C ARG A 33 -6.39 -6.21 2.66
N ILE A 34 -6.39 -5.15 1.87
CA ILE A 34 -7.14 -5.11 0.63
C ILE A 34 -6.49 -5.99 -0.43
N HIS A 35 -5.17 -6.16 -0.34
CA HIS A 35 -4.43 -6.98 -1.29
C HIS A 35 -4.31 -8.41 -0.78
N THR A 36 -3.98 -8.56 0.50
CA THR A 36 -3.83 -9.88 1.11
C THR A 36 -5.18 -10.57 1.25
N GLY A 37 -6.23 -9.78 1.38
CA GLY A 37 -7.57 -10.33 1.52
C GLY A 37 -7.94 -11.26 0.39
N GLU A 38 -7.61 -10.86 -0.83
CA GLU A 38 -7.91 -11.66 -2.01
C GLU A 38 -7.13 -12.98 -1.98
N LYS A 39 -7.28 -13.77 -3.05
CA LYS A 39 -6.59 -15.05 -3.15
C LYS A 39 -5.08 -14.87 -3.06
N PRO A 40 -4.36 -15.95 -2.74
CA PRO A 40 -2.90 -15.93 -2.61
C PRO A 40 -2.21 -15.75 -3.96
N SER A 41 -0.99 -15.22 -3.92
CA SER A 41 -0.22 -14.99 -5.14
C SER A 41 0.61 -16.22 -5.49
N GLY A 42 0.71 -16.51 -6.79
CA GLY A 42 1.47 -17.66 -7.24
C GLY A 42 2.93 -17.57 -6.84
N PRO A 43 3.67 -18.67 -7.08
CA PRO A 43 5.10 -18.74 -6.74
C PRO A 43 5.95 -17.85 -7.63
N SER A 44 6.84 -17.09 -7.01
CA SER A 44 7.72 -16.18 -7.75
C SER A 44 8.92 -15.77 -6.89
N SER A 45 9.96 -15.29 -7.55
CA SER A 45 11.17 -14.87 -6.86
C SER A 45 11.11 -13.38 -6.52
N GLY A 46 10.92 -12.55 -7.55
CA GLY A 46 10.85 -11.12 -7.35
C GLY A 46 10.46 -10.38 -8.61
N GLY A 1 7.89 20.46 -13.99
CA GLY A 1 6.45 20.44 -14.10
C GLY A 1 5.79 19.66 -12.97
N SER A 2 6.53 19.48 -11.88
CA SER A 2 6.01 18.76 -10.73
C SER A 2 6.35 19.48 -9.42
N SER A 3 5.39 19.54 -8.52
CA SER A 3 5.58 20.21 -7.23
C SER A 3 6.11 19.23 -6.19
N GLY A 4 7.00 19.72 -5.33
CA GLY A 4 7.56 18.88 -4.29
C GLY A 4 8.49 19.64 -3.36
N SER A 5 8.15 20.90 -3.09
CA SER A 5 8.96 21.73 -2.22
C SER A 5 8.28 21.93 -0.86
N SER A 6 6.96 21.87 -0.87
CA SER A 6 6.18 22.05 0.36
C SER A 6 6.69 21.12 1.46
N GLY A 7 6.47 21.50 2.71
CA GLY A 7 6.92 20.70 3.83
C GLY A 7 6.41 19.27 3.75
N THR A 8 7.26 18.32 4.11
CA THR A 8 6.90 16.91 4.08
C THR A 8 7.92 16.06 4.82
N GLY A 9 7.46 14.95 5.41
CA GLY A 9 8.35 14.08 6.14
C GLY A 9 8.74 12.85 5.33
N GLU A 10 9.08 11.77 6.03
CA GLU A 10 9.47 10.53 5.37
C GLU A 10 8.35 9.50 5.43
N LYS A 11 8.42 8.51 4.55
CA LYS A 11 7.41 7.46 4.50
C LYS A 11 8.04 6.12 4.11
N PRO A 12 8.74 5.49 5.07
CA PRO A 12 9.40 4.21 4.85
C PRO A 12 8.39 3.06 4.71
N PHE A 13 7.16 3.32 5.10
CA PHE A 13 6.10 2.31 5.02
C PHE A 13 5.18 2.58 3.84
N ASP A 14 5.65 2.29 2.64
CA ASP A 14 4.88 2.50 1.42
C ASP A 14 4.39 1.19 0.85
N CYS A 15 3.08 1.08 0.63
CA CYS A 15 2.49 -0.13 0.09
C CYS A 15 3.12 -0.49 -1.26
N ILE A 16 3.85 -1.60 -1.29
CA ILE A 16 4.51 -2.04 -2.51
C ILE A 16 3.52 -2.77 -3.42
N ASP A 17 2.29 -2.90 -2.96
CA ASP A 17 1.25 -3.58 -3.73
C ASP A 17 0.60 -2.62 -4.73
N CYS A 18 0.22 -1.44 -4.23
CA CYS A 18 -0.41 -0.44 -5.08
C CYS A 18 0.52 0.75 -5.30
N GLY A 19 1.30 1.09 -4.28
CA GLY A 19 2.23 2.20 -4.38
C GLY A 19 1.88 3.33 -3.44
N LYS A 20 1.10 3.03 -2.43
CA LYS A 20 0.69 4.03 -1.44
C LYS A 20 1.83 4.34 -0.47
N ALA A 21 1.64 5.37 0.34
CA ALA A 21 2.65 5.75 1.33
C ALA A 21 2.04 5.91 2.71
N PHE A 22 2.78 5.48 3.73
CA PHE A 22 2.31 5.56 5.11
C PHE A 22 3.46 5.87 6.06
N SER A 23 3.16 6.61 7.12
CA SER A 23 4.18 6.98 8.10
C SER A 23 4.04 6.13 9.37
N ASP A 24 3.56 4.90 9.20
CA ASP A 24 3.38 4.00 10.32
C ASP A 24 3.13 2.57 9.83
N HIS A 25 3.85 1.61 10.41
CA HIS A 25 3.72 0.21 10.04
C HIS A 25 2.25 -0.22 10.07
N ILE A 26 1.62 -0.04 11.22
CA ILE A 26 0.21 -0.41 11.39
C ILE A 26 -0.64 0.19 10.28
N GLY A 27 -0.46 1.47 10.02
CA GLY A 27 -1.22 2.14 8.98
C GLY A 27 -1.07 1.48 7.63
N LEU A 28 0.13 0.96 7.35
CA LEU A 28 0.40 0.29 6.09
C LEU A 28 -0.24 -1.09 6.06
N ASN A 29 0.10 -1.92 7.05
CA ASN A 29 -0.45 -3.26 7.14
C ASN A 29 -1.97 -3.25 7.08
N GLN A 30 -2.58 -2.37 7.88
CA GLN A 30 -4.03 -2.26 7.92
C GLN A 30 -4.59 -1.94 6.54
N HIS A 31 -3.76 -1.32 5.70
CA HIS A 31 -4.18 -0.96 4.35
C HIS A 31 -3.97 -2.12 3.39
N ARG A 32 -2.94 -2.92 3.65
CA ARG A 32 -2.63 -4.07 2.80
C ARG A 32 -3.75 -5.10 2.86
N ARG A 33 -4.64 -4.97 3.84
CA ARG A 33 -5.75 -5.88 4.01
C ARG A 33 -6.58 -5.97 2.73
N ILE A 34 -6.55 -4.90 1.93
CA ILE A 34 -7.30 -4.86 0.68
C ILE A 34 -6.65 -5.75 -0.37
N HIS A 35 -5.34 -5.93 -0.27
CA HIS A 35 -4.61 -6.78 -1.21
C HIS A 35 -4.52 -8.21 -0.70
N THR A 36 -4.22 -8.36 0.58
CA THR A 36 -4.10 -9.68 1.19
C THR A 36 -5.47 -10.38 1.27
N GLY A 37 -5.59 -11.49 0.57
CA GLY A 37 -6.84 -12.23 0.57
C GLY A 37 -6.70 -13.62 -0.02
N GLU A 38 -7.72 -14.06 -0.75
CA GLU A 38 -7.70 -15.38 -1.37
C GLU A 38 -7.10 -15.31 -2.77
N LYS A 39 -6.24 -16.28 -3.08
CA LYS A 39 -5.60 -16.34 -4.39
C LYS A 39 -5.29 -17.78 -4.78
N PRO A 40 -5.09 -18.01 -6.09
CA PRO A 40 -4.78 -19.34 -6.62
C PRO A 40 -3.39 -19.83 -6.21
N SER A 41 -2.44 -18.91 -6.17
CA SER A 41 -1.07 -19.24 -5.78
C SER A 41 -0.81 -18.92 -4.31
N GLY A 42 -0.38 -19.92 -3.56
CA GLY A 42 -0.10 -19.72 -2.15
C GLY A 42 -0.09 -21.02 -1.37
N PRO A 43 1.00 -21.79 -1.52
CA PRO A 43 1.16 -23.08 -0.83
C PRO A 43 1.36 -22.91 0.67
N SER A 44 0.44 -23.50 1.45
CA SER A 44 0.53 -23.41 2.91
C SER A 44 0.61 -21.96 3.37
N SER A 45 -0.10 -21.09 2.66
CA SER A 45 -0.10 -19.66 2.99
C SER A 45 -0.90 -19.41 4.26
N GLY A 46 -2.07 -20.02 4.35
CA GLY A 46 -2.92 -19.84 5.53
C GLY A 46 -4.38 -20.10 5.22
N GLY A 1 -0.11 6.38 -14.30
CA GLY A 1 -0.57 7.75 -14.15
C GLY A 1 0.10 8.46 -12.99
N SER A 2 -0.38 8.21 -11.78
CA SER A 2 0.19 8.84 -10.59
C SER A 2 1.29 7.98 -9.99
N SER A 3 2.32 7.71 -10.81
CA SER A 3 3.44 6.88 -10.36
C SER A 3 4.62 7.76 -9.94
N GLY A 4 4.49 8.42 -8.78
CA GLY A 4 5.54 9.27 -8.29
C GLY A 4 5.02 10.37 -7.38
N SER A 5 5.29 10.24 -6.08
CA SER A 5 4.84 11.22 -5.11
C SER A 5 5.92 12.27 -4.85
N SER A 6 5.63 13.19 -3.93
CA SER A 6 6.57 14.25 -3.60
C SER A 6 7.40 13.88 -2.37
N GLY A 7 8.40 14.69 -2.06
CA GLY A 7 9.25 14.43 -0.92
C GLY A 7 9.08 15.46 0.18
N THR A 8 7.86 15.57 0.70
CA THR A 8 7.57 16.53 1.76
C THR A 8 7.58 15.87 3.12
N GLY A 9 8.43 14.85 3.28
CA GLY A 9 8.52 14.14 4.54
C GLY A 9 9.13 12.77 4.39
N GLU A 10 8.91 11.91 5.39
CA GLU A 10 9.45 10.56 5.36
C GLU A 10 8.31 9.53 5.41
N LYS A 11 8.41 8.51 4.56
CA LYS A 11 7.40 7.46 4.50
C LYS A 11 8.04 6.12 4.11
N PRO A 12 8.74 5.50 5.08
CA PRO A 12 9.40 4.22 4.86
C PRO A 12 8.40 3.07 4.73
N PHE A 13 7.17 3.32 5.11
CA PHE A 13 6.11 2.32 5.04
C PHE A 13 5.19 2.59 3.86
N ASP A 14 5.66 2.30 2.66
CA ASP A 14 4.87 2.52 1.44
C ASP A 14 4.40 1.19 0.86
N CYS A 15 3.09 1.08 0.64
CA CYS A 15 2.51 -0.13 0.09
C CYS A 15 3.13 -0.48 -1.25
N ILE A 16 3.87 -1.58 -1.28
CA ILE A 16 4.53 -2.03 -2.51
C ILE A 16 3.55 -2.75 -3.43
N ASP A 17 2.32 -2.90 -2.97
CA ASP A 17 1.29 -3.58 -3.75
C ASP A 17 0.63 -2.62 -4.73
N CYS A 18 0.25 -1.44 -4.24
CA CYS A 18 -0.39 -0.43 -5.07
C CYS A 18 0.54 0.76 -5.30
N GLY A 19 1.33 1.08 -4.28
CA GLY A 19 2.25 2.19 -4.39
C GLY A 19 1.90 3.34 -3.44
N LYS A 20 1.12 3.03 -2.42
CA LYS A 20 0.70 4.04 -1.44
C LYS A 20 1.84 4.34 -0.47
N ALA A 21 1.63 5.36 0.37
CA ALA A 21 2.64 5.75 1.35
C ALA A 21 2.01 5.89 2.74
N PHE A 22 2.77 5.48 3.75
CA PHE A 22 2.30 5.55 5.14
C PHE A 22 3.45 5.86 6.09
N SER A 23 3.14 6.59 7.15
CA SER A 23 4.16 6.96 8.14
C SER A 23 4.02 6.11 9.39
N ASP A 24 3.52 4.89 9.23
CA ASP A 24 3.34 3.97 10.35
C ASP A 24 3.11 2.55 9.86
N HIS A 25 3.83 1.60 10.45
CA HIS A 25 3.70 0.20 10.06
C HIS A 25 2.23 -0.24 10.10
N ILE A 26 1.60 -0.06 11.25
CA ILE A 26 0.20 -0.44 11.41
C ILE A 26 -0.66 0.15 10.30
N GLY A 27 -0.47 1.44 10.04
CA GLY A 27 -1.24 2.10 8.99
C GLY A 27 -1.08 1.43 7.65
N LEU A 28 0.12 0.93 7.37
CA LEU A 28 0.40 0.27 6.10
C LEU A 28 -0.23 -1.11 6.06
N ASN A 29 0.10 -1.94 7.05
CA ASN A 29 -0.43 -3.30 7.13
C ASN A 29 -1.95 -3.28 7.07
N GLN A 30 -2.56 -2.41 7.87
CA GLN A 30 -4.01 -2.29 7.90
C GLN A 30 -4.58 -1.97 6.53
N HIS A 31 -3.74 -1.35 5.69
CA HIS A 31 -4.16 -0.99 4.34
C HIS A 31 -3.94 -2.15 3.38
N ARG A 32 -2.92 -2.95 3.63
CA ARG A 32 -2.61 -4.09 2.79
C ARG A 32 -3.72 -5.13 2.83
N ARG A 33 -4.60 -5.00 3.82
CA ARG A 33 -5.71 -5.92 3.98
C ARG A 33 -6.53 -6.01 2.70
N ILE A 34 -6.51 -4.94 1.91
CA ILE A 34 -7.26 -4.89 0.66
C ILE A 34 -6.61 -5.79 -0.39
N HIS A 35 -5.29 -5.96 -0.28
CA HIS A 35 -4.55 -6.80 -1.23
C HIS A 35 -4.46 -8.23 -0.72
N THR A 36 -4.14 -8.38 0.56
CA THR A 36 -4.02 -9.70 1.17
C THR A 36 -5.38 -10.33 1.41
N GLY A 37 -5.63 -11.46 0.73
CA GLY A 37 -6.90 -12.14 0.87
C GLY A 37 -7.31 -12.89 -0.37
N GLU A 38 -7.23 -12.21 -1.52
CA GLU A 38 -7.60 -12.81 -2.79
C GLU A 38 -6.57 -12.49 -3.86
N LYS A 39 -6.68 -13.15 -5.01
CA LYS A 39 -5.75 -12.93 -6.12
C LYS A 39 -4.33 -13.33 -5.73
N PRO A 40 -3.48 -13.56 -6.74
CA PRO A 40 -2.09 -13.95 -6.52
C PRO A 40 -1.25 -12.80 -5.95
N SER A 41 -1.51 -11.59 -6.42
CA SER A 41 -0.78 -10.41 -5.97
C SER A 41 0.71 -10.55 -6.24
N GLY A 42 1.04 -11.23 -7.34
CA GLY A 42 2.43 -11.42 -7.70
C GLY A 42 2.76 -12.87 -8.03
N PRO A 43 3.95 -13.10 -8.58
CA PRO A 43 4.39 -14.44 -8.96
C PRO A 43 4.67 -15.33 -7.75
N SER A 44 3.61 -15.90 -7.19
CA SER A 44 3.74 -16.77 -6.02
C SER A 44 3.38 -18.21 -6.37
N SER A 45 3.85 -19.15 -5.55
CA SER A 45 3.59 -20.56 -5.78
C SER A 45 3.85 -21.38 -4.51
N GLY A 46 3.30 -22.59 -4.46
CA GLY A 46 3.48 -23.44 -3.31
C GLY A 46 2.17 -24.02 -2.81
N GLY A 1 -10.78 8.06 -4.62
CA GLY A 1 -9.72 8.42 -3.70
C GLY A 1 -8.63 9.24 -4.35
N SER A 2 -7.91 10.02 -3.55
CA SER A 2 -6.83 10.85 -4.07
C SER A 2 -5.50 10.52 -3.38
N SER A 3 -4.45 11.20 -3.79
CA SER A 3 -3.13 10.97 -3.22
C SER A 3 -3.10 11.38 -1.75
N GLY A 4 -2.58 10.49 -0.91
CA GLY A 4 -2.50 10.77 0.52
C GLY A 4 -1.12 11.21 0.94
N SER A 5 -0.45 11.97 0.09
CA SER A 5 0.89 12.45 0.38
C SER A 5 0.87 13.94 0.72
N SER A 6 0.45 14.25 1.95
CA SER A 6 0.39 15.63 2.40
C SER A 6 1.19 15.83 3.68
N GLY A 7 2.44 15.39 3.66
CA GLY A 7 3.29 15.53 4.83
C GLY A 7 4.63 16.14 4.50
N THR A 8 5.46 16.35 5.52
CA THR A 8 6.78 16.95 5.33
C THR A 8 7.86 16.10 5.98
N GLY A 9 7.64 14.79 6.01
CA GLY A 9 8.61 13.88 6.59
C GLY A 9 8.94 12.72 5.69
N GLU A 10 9.31 11.59 6.29
CA GLU A 10 9.66 10.40 5.51
C GLU A 10 8.55 9.36 5.58
N LYS A 11 8.48 8.51 4.55
CA LYS A 11 7.46 7.47 4.49
C LYS A 11 8.08 6.13 4.12
N PRO A 12 8.77 5.50 5.08
CA PRO A 12 9.42 4.21 4.87
C PRO A 12 8.42 3.07 4.72
N PHE A 13 7.17 3.34 5.10
CA PHE A 13 6.11 2.33 5.00
C PHE A 13 5.19 2.63 3.83
N ASP A 14 5.66 2.33 2.62
CA ASP A 14 4.88 2.58 1.42
C ASP A 14 4.40 1.25 0.82
N CYS A 15 3.09 1.12 0.66
CA CYS A 15 2.50 -0.08 0.09
C CYS A 15 3.10 -0.40 -1.27
N ILE A 16 3.78 -1.55 -1.36
CA ILE A 16 4.41 -1.97 -2.60
C ILE A 16 3.40 -2.65 -3.52
N ASP A 17 2.23 -2.97 -2.98
CA ASP A 17 1.17 -3.62 -3.75
C ASP A 17 0.55 -2.65 -4.75
N CYS A 18 0.18 -1.46 -4.26
CA CYS A 18 -0.42 -0.44 -5.12
C CYS A 18 0.53 0.73 -5.33
N GLY A 19 1.30 1.06 -4.29
CA GLY A 19 2.24 2.15 -4.38
C GLY A 19 1.89 3.30 -3.45
N LYS A 20 1.09 3.01 -2.43
CA LYS A 20 0.68 4.03 -1.48
C LYS A 20 1.80 4.36 -0.51
N ALA A 21 1.59 5.36 0.33
CA ALA A 21 2.58 5.77 1.31
C ALA A 21 1.97 5.89 2.71
N PHE A 22 2.74 5.51 3.72
CA PHE A 22 2.27 5.57 5.10
C PHE A 22 3.42 5.88 6.05
N SER A 23 3.12 6.62 7.11
CA SER A 23 4.14 6.99 8.10
C SER A 23 3.99 6.15 9.36
N ASP A 24 3.51 4.91 9.20
CA ASP A 24 3.31 4.01 10.32
C ASP A 24 3.08 2.58 9.84
N HIS A 25 3.80 1.64 10.42
CA HIS A 25 3.67 0.23 10.06
C HIS A 25 2.21 -0.21 10.10
N ILE A 26 1.58 -0.02 11.25
CA ILE A 26 0.18 -0.40 11.43
C ILE A 26 -0.69 0.18 10.31
N GLY A 27 -0.47 1.45 10.00
CA GLY A 27 -1.24 2.11 8.95
C GLY A 27 -1.07 1.43 7.61
N LEU A 28 0.13 0.98 7.31
CA LEU A 28 0.42 0.30 6.05
C LEU A 28 -0.22 -1.08 6.02
N ASN A 29 0.13 -1.91 7.01
CA ASN A 29 -0.41 -3.26 7.10
C ASN A 29 -1.94 -3.24 7.06
N GLN A 30 -2.53 -2.35 7.84
CA GLN A 30 -3.99 -2.23 7.90
C GLN A 30 -4.56 -1.91 6.52
N HIS A 31 -3.74 -1.31 5.66
CA HIS A 31 -4.16 -0.95 4.32
C HIS A 31 -3.97 -2.12 3.35
N ARG A 32 -2.94 -2.92 3.61
CA ARG A 32 -2.65 -4.07 2.76
C ARG A 32 -3.77 -5.10 2.83
N ARG A 33 -4.63 -4.95 3.82
CA ARG A 33 -5.75 -5.88 4.00
C ARG A 33 -6.59 -5.96 2.73
N ILE A 34 -6.56 -4.90 1.94
CA ILE A 34 -7.32 -4.85 0.70
C ILE A 34 -6.70 -5.74 -0.36
N HIS A 35 -5.38 -5.93 -0.28
CA HIS A 35 -4.65 -6.77 -1.22
C HIS A 35 -4.55 -8.20 -0.72
N THR A 36 -4.23 -8.34 0.56
CA THR A 36 -4.09 -9.66 1.17
C THR A 36 -5.44 -10.38 1.23
N GLY A 37 -5.45 -11.66 0.84
CA GLY A 37 -6.67 -12.43 0.86
C GLY A 37 -6.59 -13.66 -0.02
N GLU A 38 -7.62 -13.87 -0.84
CA GLU A 38 -7.65 -15.01 -1.74
C GLU A 38 -7.14 -14.65 -3.12
N LYS A 39 -5.83 -14.45 -3.23
CA LYS A 39 -5.21 -14.10 -4.50
C LYS A 39 -3.97 -14.96 -4.76
N PRO A 40 -3.56 -15.02 -6.03
CA PRO A 40 -2.38 -15.80 -6.44
C PRO A 40 -1.08 -15.20 -5.94
N SER A 41 -0.66 -15.60 -4.74
CA SER A 41 0.56 -15.10 -4.14
C SER A 41 1.76 -15.36 -5.05
N GLY A 42 2.48 -14.29 -5.39
CA GLY A 42 3.64 -14.42 -6.25
C GLY A 42 4.31 -13.09 -6.53
N PRO A 43 4.93 -12.51 -5.50
CA PRO A 43 5.62 -11.22 -5.61
C PRO A 43 6.89 -11.32 -6.44
N SER A 44 7.64 -10.22 -6.51
CA SER A 44 8.89 -10.18 -7.27
C SER A 44 10.09 -10.15 -6.34
N SER A 45 11.29 -10.10 -6.93
CA SER A 45 12.52 -10.06 -6.16
C SER A 45 12.86 -8.63 -5.75
N GLY A 46 13.62 -8.50 -4.66
CA GLY A 46 14.00 -7.18 -4.18
C GLY A 46 15.18 -6.61 -4.95
N GLY A 1 -10.50 7.08 -10.23
CA GLY A 1 -9.74 8.31 -10.37
C GLY A 1 -8.28 8.13 -9.99
N SER A 2 -7.65 9.21 -9.54
CA SER A 2 -6.25 9.17 -9.15
C SER A 2 -5.93 10.25 -8.12
N SER A 3 -5.07 9.91 -7.17
CA SER A 3 -4.70 10.85 -6.11
C SER A 3 -3.35 11.51 -6.43
N GLY A 4 -2.50 10.80 -7.17
CA GLY A 4 -1.20 11.34 -7.53
C GLY A 4 -0.07 10.68 -6.76
N SER A 5 1.15 10.82 -7.27
CA SER A 5 2.31 10.22 -6.63
C SER A 5 3.27 11.31 -6.13
N SER A 6 2.92 11.93 -5.02
CA SER A 6 3.73 12.99 -4.44
C SER A 6 4.21 12.61 -3.03
N GLY A 7 5.24 13.29 -2.56
CA GLY A 7 5.76 13.01 -1.23
C GLY A 7 6.56 14.18 -0.67
N THR A 8 6.16 14.64 0.52
CA THR A 8 6.83 15.75 1.17
C THR A 8 7.20 15.41 2.61
N GLY A 9 7.42 14.12 2.88
CA GLY A 9 7.78 13.68 4.20
C GLY A 9 8.31 12.27 4.23
N GLU A 10 8.93 11.88 5.34
CA GLU A 10 9.48 10.54 5.49
C GLU A 10 8.37 9.50 5.54
N LYS A 11 8.41 8.55 4.61
CA LYS A 11 7.41 7.49 4.54
C LYS A 11 8.04 6.17 4.15
N PRO A 12 8.75 5.54 5.11
CA PRO A 12 9.42 4.26 4.88
C PRO A 12 8.43 3.11 4.72
N PHE A 13 7.19 3.35 5.12
CA PHE A 13 6.14 2.34 5.02
C PHE A 13 5.21 2.62 3.85
N ASP A 14 5.69 2.33 2.64
CA ASP A 14 4.89 2.55 1.44
C ASP A 14 4.42 1.23 0.84
N CYS A 15 3.11 1.10 0.66
CA CYS A 15 2.54 -0.11 0.10
C CYS A 15 3.15 -0.44 -1.25
N ILE A 16 3.86 -1.56 -1.32
CA ILE A 16 4.50 -1.99 -2.56
C ILE A 16 3.51 -2.69 -3.47
N ASP A 17 2.31 -2.95 -2.97
CA ASP A 17 1.27 -3.61 -3.74
C ASP A 17 0.63 -2.64 -4.74
N CYS A 18 0.25 -1.48 -4.25
CA CYS A 18 -0.38 -0.47 -5.08
C CYS A 18 0.56 0.72 -5.31
N GLY A 19 1.33 1.05 -4.27
CA GLY A 19 2.27 2.16 -4.38
C GLY A 19 1.91 3.31 -3.45
N LYS A 20 1.12 3.01 -2.43
CA LYS A 20 0.71 4.02 -1.46
C LYS A 20 1.82 4.34 -0.48
N ALA A 21 1.62 5.35 0.35
CA ALA A 21 2.62 5.75 1.33
C ALA A 21 2.00 5.88 2.73
N PHE A 22 2.76 5.47 3.74
CA PHE A 22 2.29 5.54 5.11
C PHE A 22 3.43 5.84 6.07
N SER A 23 3.14 6.59 7.13
CA SER A 23 4.14 6.96 8.11
C SER A 23 3.99 6.12 9.38
N ASP A 24 3.53 4.88 9.22
CA ASP A 24 3.34 3.98 10.35
C ASP A 24 3.10 2.56 9.87
N HIS A 25 3.82 1.61 10.45
CA HIS A 25 3.68 0.20 10.09
C HIS A 25 2.23 -0.23 10.13
N ILE A 26 1.58 -0.05 11.28
CA ILE A 26 0.19 -0.42 11.45
C ILE A 26 -0.68 0.16 10.34
N GLY A 27 -0.46 1.44 10.02
CA GLY A 27 -1.22 2.09 8.98
C GLY A 27 -1.06 1.40 7.63
N LEU A 28 0.15 0.95 7.34
CA LEU A 28 0.44 0.28 6.08
C LEU A 28 -0.20 -1.11 6.04
N ASN A 29 0.15 -1.93 7.03
CA ASN A 29 -0.39 -3.29 7.12
C ASN A 29 -1.91 -3.27 7.08
N GLN A 30 -2.51 -2.38 7.86
CA GLN A 30 -3.96 -2.25 7.92
C GLN A 30 -4.53 -1.94 6.54
N HIS A 31 -3.70 -1.34 5.69
CA HIS A 31 -4.14 -0.98 4.33
C HIS A 31 -3.94 -2.15 3.37
N ARG A 32 -2.90 -2.95 3.63
CA ARG A 32 -2.60 -4.10 2.79
C ARG A 32 -3.73 -5.13 2.84
N ARG A 33 -4.60 -4.99 3.83
CA ARG A 33 -5.73 -5.90 4.00
C ARG A 33 -6.55 -5.98 2.72
N ILE A 34 -6.53 -4.91 1.94
CA ILE A 34 -7.28 -4.85 0.69
C ILE A 34 -6.66 -5.77 -0.36
N HIS A 35 -5.35 -5.96 -0.27
CA HIS A 35 -4.63 -6.82 -1.21
C HIS A 35 -4.58 -8.25 -0.71
N THR A 36 -4.26 -8.42 0.57
CA THR A 36 -4.17 -9.74 1.17
C THR A 36 -5.53 -10.44 1.19
N GLY A 37 -5.54 -11.72 0.87
CA GLY A 37 -6.78 -12.47 0.87
C GLY A 37 -7.33 -12.67 -0.53
N GLU A 38 -7.66 -11.57 -1.20
CA GLU A 38 -8.20 -11.63 -2.55
C GLU A 38 -7.12 -11.33 -3.59
N LYS A 39 -7.47 -11.46 -4.86
CA LYS A 39 -6.53 -11.21 -5.95
C LYS A 39 -6.39 -9.70 -6.20
N PRO A 40 -5.29 -9.32 -6.87
CA PRO A 40 -5.02 -7.91 -7.20
C PRO A 40 -5.97 -7.36 -8.25
N SER A 41 -5.79 -6.09 -8.60
CA SER A 41 -6.64 -5.44 -9.60
C SER A 41 -5.80 -4.69 -10.61
N GLY A 42 -4.56 -5.15 -10.79
CA GLY A 42 -3.67 -4.50 -11.75
C GLY A 42 -3.15 -3.18 -11.24
N PRO A 43 -2.18 -3.24 -10.31
CA PRO A 43 -1.57 -2.03 -9.73
C PRO A 43 -0.70 -1.29 -10.72
N SER A 44 -0.24 -0.10 -10.32
CA SER A 44 0.62 0.72 -11.18
C SER A 44 2.09 0.49 -10.88
N SER A 45 2.55 -0.74 -11.13
CA SER A 45 3.95 -1.10 -10.88
C SER A 45 4.48 -2.00 -11.98
N GLY A 46 5.61 -1.62 -12.56
CA GLY A 46 6.20 -2.41 -13.62
C GLY A 46 7.71 -2.47 -13.52
N GLY A 1 -6.99 24.67 23.70
CA GLY A 1 -6.03 23.89 22.94
C GLY A 1 -5.84 24.41 21.53
N SER A 2 -4.61 24.35 21.04
CA SER A 2 -4.30 24.81 19.70
C SER A 2 -3.16 24.00 19.08
N SER A 3 -3.20 23.84 17.77
CA SER A 3 -2.18 23.08 17.06
C SER A 3 -1.48 23.95 16.01
N GLY A 4 -0.19 24.15 16.18
CA GLY A 4 0.56 24.95 15.23
C GLY A 4 1.92 24.35 14.91
N SER A 5 1.96 23.03 14.80
CA SER A 5 3.21 22.32 14.50
C SER A 5 3.08 21.54 13.19
N SER A 6 4.03 21.76 12.27
CA SER A 6 4.03 21.07 10.99
C SER A 6 4.73 19.73 11.10
N GLY A 7 3.96 18.66 10.93
CA GLY A 7 4.53 17.32 11.01
C GLY A 7 5.03 16.82 9.67
N THR A 8 6.32 17.00 9.41
CA THR A 8 6.91 16.57 8.17
C THR A 8 7.91 15.42 8.38
N GLY A 9 7.57 14.25 7.87
CA GLY A 9 8.44 13.10 8.02
C GLY A 9 8.40 12.18 6.81
N GLU A 10 9.48 11.42 6.61
CA GLU A 10 9.57 10.51 5.49
C GLU A 10 8.45 9.47 5.53
N LYS A 11 8.46 8.55 4.57
CA LYS A 11 7.45 7.51 4.50
C LYS A 11 8.08 6.17 4.12
N PRO A 12 8.77 5.54 5.08
CA PRO A 12 9.42 4.25 4.87
C PRO A 12 8.42 3.11 4.72
N PHE A 13 7.17 3.36 5.09
CA PHE A 13 6.12 2.37 4.99
C PHE A 13 5.19 2.66 3.81
N ASP A 14 5.65 2.36 2.61
CA ASP A 14 4.87 2.59 1.41
C ASP A 14 4.40 1.27 0.80
N CYS A 15 3.09 1.13 0.64
CA CYS A 15 2.51 -0.08 0.08
C CYS A 15 3.13 -0.40 -1.28
N ILE A 16 3.81 -1.53 -1.37
CA ILE A 16 4.45 -1.94 -2.61
C ILE A 16 3.45 -2.63 -3.54
N ASP A 17 2.28 -2.96 -3.00
CA ASP A 17 1.23 -3.61 -3.78
C ASP A 17 0.61 -2.65 -4.78
N CYS A 18 0.21 -1.48 -4.29
CA CYS A 18 -0.40 -0.46 -5.13
C CYS A 18 0.54 0.72 -5.35
N GLY A 19 1.31 1.05 -4.31
CA GLY A 19 2.24 2.15 -4.40
C GLY A 19 1.87 3.30 -3.47
N LYS A 20 1.08 3.00 -2.46
CA LYS A 20 0.65 4.01 -1.49
C LYS A 20 1.78 4.34 -0.52
N ALA A 21 1.53 5.34 0.33
CA ALA A 21 2.53 5.76 1.31
C ALA A 21 1.91 5.85 2.71
N PHE A 22 2.71 5.53 3.72
CA PHE A 22 2.24 5.57 5.10
C PHE A 22 3.39 5.88 6.06
N SER A 23 3.09 6.61 7.13
CA SER A 23 4.09 6.98 8.11
C SER A 23 3.96 6.14 9.37
N ASP A 24 3.48 4.91 9.19
CA ASP A 24 3.30 3.99 10.33
C ASP A 24 3.07 2.57 9.84
N HIS A 25 3.80 1.63 10.41
CA HIS A 25 3.67 0.22 10.04
C HIS A 25 2.21 -0.22 10.08
N ILE A 26 1.58 -0.05 11.23
CA ILE A 26 0.17 -0.43 11.40
C ILE A 26 -0.69 0.15 10.28
N GLY A 27 -0.48 1.43 9.98
CA GLY A 27 -1.24 2.08 8.93
C GLY A 27 -1.08 1.40 7.60
N LEU A 28 0.13 0.95 7.30
CA LEU A 28 0.42 0.27 6.03
C LEU A 28 -0.21 -1.12 6.00
N ASN A 29 0.14 -1.95 6.98
CA ASN A 29 -0.38 -3.30 7.06
C ASN A 29 -1.91 -3.29 7.03
N GLN A 30 -2.51 -2.39 7.80
CA GLN A 30 -3.96 -2.28 7.86
C GLN A 30 -4.54 -1.96 6.49
N HIS A 31 -3.72 -1.34 5.63
CA HIS A 31 -4.15 -0.99 4.28
C HIS A 31 -3.94 -2.15 3.31
N ARG A 32 -2.91 -2.95 3.58
CA ARG A 32 -2.61 -4.09 2.73
C ARG A 32 -3.72 -5.13 2.79
N ARG A 33 -4.60 -5.00 3.78
CA ARG A 33 -5.71 -5.92 3.96
C ARG A 33 -6.55 -6.01 2.69
N ILE A 34 -6.53 -4.94 1.90
CA ILE A 34 -7.27 -4.90 0.65
C ILE A 34 -6.64 -5.80 -0.42
N HIS A 35 -5.32 -5.97 -0.32
CA HIS A 35 -4.60 -6.81 -1.27
C HIS A 35 -4.49 -8.24 -0.76
N THR A 36 -4.16 -8.39 0.51
CA THR A 36 -4.02 -9.70 1.13
C THR A 36 -5.38 -10.37 1.30
N GLY A 37 -5.39 -11.71 1.25
CA GLY A 37 -6.63 -12.44 1.41
C GLY A 37 -7.40 -12.55 0.11
N GLU A 38 -7.21 -13.66 -0.60
CA GLU A 38 -7.89 -13.88 -1.87
C GLU A 38 -8.88 -15.04 -1.77
N LYS A 39 -9.75 -15.18 -2.76
CA LYS A 39 -10.73 -16.24 -2.78
C LYS A 39 -10.46 -17.22 -3.94
N PRO A 40 -10.99 -18.44 -3.83
CA PRO A 40 -10.83 -19.48 -4.85
C PRO A 40 -11.60 -19.15 -6.13
N SER A 41 -10.88 -19.15 -7.25
CA SER A 41 -11.50 -18.86 -8.54
C SER A 41 -11.68 -20.13 -9.37
N GLY A 42 -12.80 -20.22 -10.06
CA GLY A 42 -13.08 -21.40 -10.87
C GLY A 42 -14.56 -21.58 -11.17
N PRO A 43 -15.09 -20.75 -12.09
CA PRO A 43 -16.50 -20.80 -12.47
C PRO A 43 -16.85 -22.06 -13.25
N SER A 44 -18.01 -22.64 -12.96
CA SER A 44 -18.46 -23.85 -13.65
C SER A 44 -19.14 -23.51 -14.96
N SER A 45 -18.35 -23.42 -16.03
CA SER A 45 -18.89 -23.11 -17.35
C SER A 45 -18.49 -24.17 -18.36
N GLY A 46 -19.39 -24.44 -19.30
CA GLY A 46 -19.12 -25.44 -20.33
C GLY A 46 -17.89 -25.12 -21.14
N GLY A 1 -3.46 28.98 -13.65
CA GLY A 1 -3.72 27.84 -12.79
C GLY A 1 -2.45 27.24 -12.23
N SER A 2 -2.47 26.93 -10.93
CA SER A 2 -1.31 26.35 -10.28
C SER A 2 -1.72 25.63 -9.00
N SER A 3 -1.14 24.45 -8.77
CA SER A 3 -1.44 23.65 -7.60
C SER A 3 -0.16 23.16 -6.93
N GLY A 4 -0.26 22.84 -5.64
CA GLY A 4 0.90 22.36 -4.91
C GLY A 4 0.83 22.68 -3.43
N SER A 5 1.10 21.69 -2.59
CA SER A 5 1.07 21.88 -1.15
C SER A 5 2.43 21.57 -0.52
N SER A 6 2.98 22.56 0.18
CA SER A 6 4.27 22.40 0.83
C SER A 6 4.17 21.49 2.04
N GLY A 7 5.28 20.87 2.41
CA GLY A 7 5.29 19.97 3.56
C GLY A 7 5.45 18.52 3.16
N THR A 8 6.59 17.93 3.54
CA THR A 8 6.86 16.54 3.20
C THR A 8 7.46 15.81 4.40
N GLY A 9 7.25 14.49 4.45
CA GLY A 9 7.78 13.70 5.54
C GLY A 9 8.27 12.34 5.08
N GLU A 10 9.13 11.72 5.89
CA GLU A 10 9.68 10.40 5.56
C GLU A 10 8.59 9.33 5.64
N LYS A 11 8.38 8.63 4.53
CA LYS A 11 7.37 7.59 4.47
C LYS A 11 8.00 6.24 4.10
N PRO A 12 8.70 5.63 5.08
CA PRO A 12 9.37 4.34 4.87
C PRO A 12 8.37 3.19 4.74
N PHE A 13 7.12 3.45 5.10
CA PHE A 13 6.08 2.44 5.01
C PHE A 13 5.15 2.72 3.83
N ASP A 14 5.63 2.41 2.63
CA ASP A 14 4.85 2.62 1.42
C ASP A 14 4.42 1.30 0.81
N CYS A 15 3.11 1.11 0.67
CA CYS A 15 2.57 -0.11 0.09
C CYS A 15 3.20 -0.41 -1.26
N ILE A 16 3.90 -1.53 -1.35
CA ILE A 16 4.54 -1.93 -2.60
C ILE A 16 3.56 -2.65 -3.52
N ASP A 17 2.41 -3.02 -2.99
CA ASP A 17 1.39 -3.71 -3.76
C ASP A 17 0.73 -2.76 -4.76
N CYS A 18 0.33 -1.59 -4.28
CA CYS A 18 -0.32 -0.59 -5.13
C CYS A 18 0.59 0.62 -5.34
N GLY A 19 1.33 0.97 -4.28
CA GLY A 19 2.23 2.11 -4.36
C GLY A 19 1.83 3.23 -3.43
N LYS A 20 1.02 2.91 -2.43
CA LYS A 20 0.57 3.90 -1.46
C LYS A 20 1.68 4.26 -0.49
N ALA A 21 1.44 5.29 0.32
CA ALA A 21 2.42 5.73 1.30
C ALA A 21 1.80 5.83 2.69
N PHE A 22 2.60 5.52 3.71
CA PHE A 22 2.13 5.57 5.09
C PHE A 22 3.26 5.93 6.04
N SER A 23 2.93 6.63 7.12
CA SER A 23 3.92 7.04 8.11
C SER A 23 3.84 6.18 9.36
N ASP A 24 3.33 4.96 9.20
CA ASP A 24 3.19 4.03 10.32
C ASP A 24 3.01 2.60 9.84
N HIS A 25 3.76 1.68 10.43
CA HIS A 25 3.68 0.27 10.05
C HIS A 25 2.24 -0.22 10.09
N ILE A 26 1.60 -0.05 11.24
CA ILE A 26 0.21 -0.48 11.41
C ILE A 26 -0.68 0.07 10.29
N GLY A 27 -0.51 1.35 9.98
CA GLY A 27 -1.30 1.97 8.94
C GLY A 27 -1.11 1.29 7.59
N LEU A 28 0.12 0.89 7.30
CA LEU A 28 0.42 0.22 6.04
C LEU A 28 -0.15 -1.19 6.02
N ASN A 29 0.23 -2.01 6.99
CA ASN A 29 -0.24 -3.38 7.07
C ASN A 29 -1.77 -3.43 7.04
N GLN A 30 -2.40 -2.54 7.82
CA GLN A 30 -3.85 -2.47 7.87
C GLN A 30 -4.45 -2.19 6.49
N HIS A 31 -3.65 -1.54 5.64
CA HIS A 31 -4.09 -1.20 4.30
C HIS A 31 -3.86 -2.36 3.33
N ARG A 32 -2.78 -3.12 3.58
CA ARG A 32 -2.44 -4.26 2.74
C ARG A 32 -3.53 -5.33 2.80
N ARG A 33 -4.41 -5.22 3.80
CA ARG A 33 -5.49 -6.18 3.97
C ARG A 33 -6.33 -6.29 2.70
N ILE A 34 -6.34 -5.21 1.91
CA ILE A 34 -7.10 -5.18 0.67
C ILE A 34 -6.45 -6.07 -0.39
N HIS A 35 -5.13 -6.22 -0.30
CA HIS A 35 -4.39 -7.05 -1.25
C HIS A 35 -4.27 -8.48 -0.74
N THR A 36 -3.97 -8.62 0.53
CA THR A 36 -3.82 -9.94 1.15
C THR A 36 -5.16 -10.66 1.24
N GLY A 37 -6.24 -9.88 1.28
CA GLY A 37 -7.56 -10.46 1.38
C GLY A 37 -8.17 -10.72 0.01
N GLU A 38 -8.19 -9.69 -0.83
CA GLU A 38 -8.76 -9.81 -2.17
C GLU A 38 -7.67 -9.69 -3.23
N LYS A 39 -7.14 -10.82 -3.66
CA LYS A 39 -6.09 -10.85 -4.67
C LYS A 39 -6.69 -10.86 -6.08
N PRO A 40 -5.87 -10.49 -7.07
CA PRO A 40 -6.30 -10.45 -8.47
C PRO A 40 -6.54 -11.84 -9.05
N SER A 41 -7.76 -12.10 -9.48
CA SER A 41 -8.11 -13.40 -10.05
C SER A 41 -8.07 -13.35 -11.58
N GLY A 42 -9.06 -12.69 -12.16
CA GLY A 42 -9.13 -12.57 -13.61
C GLY A 42 -9.78 -11.28 -14.06
N PRO A 43 -9.10 -10.16 -13.83
CA PRO A 43 -9.59 -8.83 -14.21
C PRO A 43 -9.61 -8.64 -15.73
N SER A 44 -8.63 -9.22 -16.41
CA SER A 44 -8.53 -9.10 -17.86
C SER A 44 -8.35 -7.64 -18.27
N SER A 45 -7.73 -6.86 -17.39
CA SER A 45 -7.50 -5.44 -17.67
C SER A 45 -6.28 -5.26 -18.58
N GLY A 46 -6.11 -4.04 -19.09
CA GLY A 46 -4.99 -3.76 -19.97
C GLY A 46 -4.46 -2.35 -19.80
N GLY A 1 -8.56 9.00 -13.90
CA GLY A 1 -7.69 8.50 -12.85
C GLY A 1 -6.64 9.51 -12.44
N SER A 2 -7.09 10.61 -11.86
CA SER A 2 -6.20 11.67 -11.42
C SER A 2 -5.29 11.18 -10.28
N SER A 3 -4.10 10.71 -10.64
CA SER A 3 -3.14 10.21 -9.65
C SER A 3 -1.71 10.42 -10.12
N GLY A 4 -0.78 10.46 -9.18
CA GLY A 4 0.61 10.66 -9.52
C GLY A 4 1.54 10.33 -8.36
N SER A 5 2.83 10.60 -8.55
CA SER A 5 3.82 10.33 -7.51
C SER A 5 3.90 11.49 -6.52
N SER A 6 3.78 11.17 -5.24
CA SER A 6 3.84 12.18 -4.19
C SER A 6 4.63 11.68 -2.99
N GLY A 7 4.81 12.55 -2.00
CA GLY A 7 5.56 12.18 -0.81
C GLY A 7 6.30 13.35 -0.21
N THR A 8 5.66 14.06 0.71
CA THR A 8 6.27 15.21 1.37
C THR A 8 6.71 14.86 2.78
N GLY A 9 7.80 14.10 2.90
CA GLY A 9 8.30 13.71 4.20
C GLY A 9 8.85 12.30 4.22
N GLU A 10 9.10 11.79 5.42
CA GLU A 10 9.63 10.43 5.57
C GLU A 10 8.49 9.41 5.62
N LYS A 11 8.50 8.48 4.66
CA LYS A 11 7.48 7.45 4.60
C LYS A 11 8.08 6.12 4.18
N PRO A 12 8.78 5.47 5.13
CA PRO A 12 9.42 4.17 4.90
C PRO A 12 8.41 3.05 4.74
N PHE A 13 7.16 3.31 5.13
CA PHE A 13 6.10 2.32 5.04
C PHE A 13 5.17 2.62 3.86
N ASP A 14 5.65 2.32 2.66
CA ASP A 14 4.86 2.55 1.45
C ASP A 14 4.39 1.24 0.84
N CYS A 15 3.08 1.11 0.67
CA CYS A 15 2.50 -0.10 0.11
C CYS A 15 3.10 -0.41 -1.26
N ILE A 16 3.77 -1.56 -1.35
CA ILE A 16 4.40 -1.97 -2.60
C ILE A 16 3.40 -2.64 -3.53
N ASP A 17 2.24 -2.98 -2.98
CA ASP A 17 1.18 -3.62 -3.76
C ASP A 17 0.56 -2.64 -4.76
N CYS A 18 0.20 -1.46 -4.26
CA CYS A 18 -0.41 -0.44 -5.10
C CYS A 18 0.54 0.73 -5.31
N GLY A 19 1.32 1.05 -4.28
CA GLY A 19 2.26 2.14 -4.37
C GLY A 19 1.91 3.30 -3.46
N LYS A 20 1.11 3.01 -2.43
CA LYS A 20 0.70 4.04 -1.49
C LYS A 20 1.82 4.36 -0.51
N ALA A 21 1.59 5.34 0.35
CA ALA A 21 2.59 5.75 1.34
C ALA A 21 1.97 5.87 2.72
N PHE A 22 2.74 5.52 3.74
CA PHE A 22 2.28 5.57 5.12
C PHE A 22 3.43 5.88 6.08
N SER A 23 3.14 6.62 7.13
CA SER A 23 4.14 6.98 8.12
C SER A 23 4.01 6.14 9.38
N ASP A 24 3.54 4.90 9.21
CA ASP A 24 3.37 3.98 10.33
C ASP A 24 3.11 2.57 9.84
N HIS A 25 3.84 1.61 10.41
CA HIS A 25 3.71 0.21 10.02
C HIS A 25 2.24 -0.22 10.08
N ILE A 26 1.61 -0.03 11.23
CA ILE A 26 0.22 -0.40 11.41
C ILE A 26 -0.65 0.19 10.30
N GLY A 27 -0.45 1.46 10.02
CA GLY A 27 -1.22 2.12 8.97
C GLY A 27 -1.07 1.45 7.63
N LEU A 28 0.13 0.97 7.34
CA LEU A 28 0.40 0.30 6.07
C LEU A 28 -0.25 -1.09 6.04
N ASN A 29 0.09 -1.91 7.02
CA ASN A 29 -0.45 -3.26 7.12
C ASN A 29 -1.97 -3.24 7.07
N GLN A 30 -2.58 -2.37 7.86
CA GLN A 30 -4.03 -2.25 7.91
C GLN A 30 -4.58 -1.92 6.53
N HIS A 31 -3.76 -1.31 5.69
CA HIS A 31 -4.17 -0.94 4.34
C HIS A 31 -3.97 -2.11 3.38
N ARG A 32 -2.95 -2.91 3.64
CA ARG A 32 -2.65 -4.06 2.79
C ARG A 32 -3.77 -5.10 2.84
N ARG A 33 -4.65 -4.95 3.83
CA ARG A 33 -5.77 -5.86 4.00
C ARG A 33 -6.60 -5.95 2.72
N ILE A 34 -6.56 -4.88 1.94
CA ILE A 34 -7.31 -4.83 0.68
C ILE A 34 -6.67 -5.73 -0.37
N HIS A 35 -5.36 -5.92 -0.27
CA HIS A 35 -4.63 -6.75 -1.22
C HIS A 35 -4.53 -8.19 -0.71
N THR A 36 -4.21 -8.33 0.57
CA THR A 36 -4.09 -9.66 1.18
C THR A 36 -5.43 -10.37 1.23
N GLY A 37 -5.47 -11.58 0.68
CA GLY A 37 -6.71 -12.34 0.67
C GLY A 37 -6.55 -13.69 -0.01
N GLU A 38 -6.74 -14.76 0.74
CA GLU A 38 -6.62 -16.11 0.20
C GLU A 38 -7.80 -16.44 -0.71
N LYS A 39 -7.70 -16.04 -1.97
CA LYS A 39 -8.76 -16.30 -2.94
C LYS A 39 -8.74 -17.76 -3.39
N PRO A 40 -9.87 -18.22 -3.95
CA PRO A 40 -10.01 -19.59 -4.43
C PRO A 40 -9.16 -19.86 -5.68
N SER A 41 -8.39 -20.94 -5.65
CA SER A 41 -7.53 -21.30 -6.77
C SER A 41 -6.59 -20.16 -7.12
N GLY A 42 -6.03 -19.52 -6.09
CA GLY A 42 -5.12 -18.41 -6.33
C GLY A 42 -4.08 -18.29 -5.23
N PRO A 43 -3.13 -19.24 -5.20
CA PRO A 43 -2.05 -19.26 -4.21
C PRO A 43 -1.05 -18.11 -4.42
N SER A 44 -0.68 -17.47 -3.31
CA SER A 44 0.27 -16.36 -3.37
C SER A 44 1.63 -16.82 -3.88
N SER A 45 2.22 -17.78 -3.17
CA SER A 45 3.53 -18.32 -3.54
C SER A 45 3.50 -19.85 -3.54
N GLY A 46 3.87 -20.45 -4.67
CA GLY A 46 3.89 -21.89 -4.79
C GLY A 46 5.27 -22.46 -4.61
N GLY A 1 -16.85 13.07 -0.32
CA GLY A 1 -16.45 13.52 1.00
C GLY A 1 -15.23 14.40 0.97
N SER A 2 -15.10 15.27 1.97
CA SER A 2 -13.98 16.20 2.05
C SER A 2 -13.23 16.02 3.37
N SER A 3 -11.94 15.75 3.29
CA SER A 3 -11.11 15.57 4.47
C SER A 3 -9.73 16.22 4.29
N GLY A 4 -9.05 16.44 5.41
CA GLY A 4 -7.73 17.05 5.35
C GLY A 4 -6.71 16.16 4.68
N SER A 5 -5.65 16.76 4.16
CA SER A 5 -4.60 16.01 3.48
C SER A 5 -3.22 16.45 3.98
N SER A 6 -2.19 15.70 3.58
CA SER A 6 -0.82 16.00 3.98
C SER A 6 0.18 15.27 3.10
N GLY A 7 1.29 15.94 2.80
CA GLY A 7 2.31 15.35 1.96
C GLY A 7 3.71 15.71 2.41
N THR A 8 3.88 15.96 3.70
CA THR A 8 5.17 16.33 4.25
C THR A 8 5.67 15.27 5.23
N GLY A 9 6.99 15.07 5.25
CA GLY A 9 7.57 14.09 6.14
C GLY A 9 7.98 12.82 5.43
N GLU A 10 8.74 11.97 6.11
CA GLU A 10 9.20 10.72 5.53
C GLU A 10 8.09 9.67 5.54
N LYS A 11 8.26 8.63 4.73
CA LYS A 11 7.27 7.55 4.66
C LYS A 11 7.93 6.25 4.22
N PRO A 12 8.65 5.61 5.14
CA PRO A 12 9.34 4.34 4.88
C PRO A 12 8.37 3.18 4.71
N PHE A 13 7.12 3.39 5.12
CA PHE A 13 6.09 2.37 5.01
C PHE A 13 5.18 2.64 3.83
N ASP A 14 5.65 2.34 2.63
CA ASP A 14 4.87 2.55 1.42
C ASP A 14 4.43 1.23 0.81
N CYS A 15 3.12 1.07 0.64
CA CYS A 15 2.57 -0.15 0.07
C CYS A 15 3.21 -0.46 -1.28
N ILE A 16 3.90 -1.59 -1.38
CA ILE A 16 4.55 -1.99 -2.61
C ILE A 16 3.56 -2.69 -3.55
N ASP A 17 2.40 -3.05 -3.01
CA ASP A 17 1.37 -3.72 -3.80
C ASP A 17 0.73 -2.76 -4.79
N CYS A 18 0.33 -1.59 -4.30
CA CYS A 18 -0.30 -0.59 -5.14
C CYS A 18 0.62 0.60 -5.36
N GLY A 19 1.39 0.94 -4.32
CA GLY A 19 2.30 2.07 -4.41
C GLY A 19 1.92 3.21 -3.49
N LYS A 20 1.12 2.91 -2.48
CA LYS A 20 0.67 3.92 -1.53
C LYS A 20 1.79 4.28 -0.56
N ALA A 21 1.51 5.25 0.31
CA ALA A 21 2.50 5.69 1.29
C ALA A 21 1.87 5.79 2.68
N PHE A 22 2.65 5.45 3.71
CA PHE A 22 2.18 5.51 5.08
C PHE A 22 3.32 5.83 6.04
N SER A 23 3.00 6.58 7.10
CA SER A 23 4.00 6.96 8.09
C SER A 23 3.88 6.11 9.35
N ASP A 24 3.47 4.86 9.17
CA ASP A 24 3.30 3.95 10.29
C ASP A 24 3.09 2.51 9.80
N HIS A 25 3.85 1.58 10.37
CA HIS A 25 3.74 0.18 9.99
C HIS A 25 2.29 -0.29 10.04
N ILE A 26 1.66 -0.11 11.19
CA ILE A 26 0.26 -0.52 11.36
C ILE A 26 -0.61 0.05 10.25
N GLY A 27 -0.44 1.33 9.96
CA GLY A 27 -1.23 1.97 8.92
C GLY A 27 -1.06 1.29 7.58
N LEU A 28 0.16 0.85 7.29
CA LEU A 28 0.45 0.18 6.02
C LEU A 28 -0.15 -1.23 6.00
N ASN A 29 0.20 -2.03 6.98
CA ASN A 29 -0.31 -3.39 7.07
C ASN A 29 -1.84 -3.41 7.01
N GLN A 30 -2.46 -2.55 7.82
CA GLN A 30 -3.92 -2.47 7.85
C GLN A 30 -4.48 -2.17 6.46
N HIS A 31 -3.66 -1.53 5.63
CA HIS A 31 -4.09 -1.18 4.27
C HIS A 31 -3.85 -2.34 3.31
N ARG A 32 -2.80 -3.12 3.58
CA ARG A 32 -2.48 -4.26 2.74
C ARG A 32 -3.57 -5.32 2.79
N ARG A 33 -4.45 -5.20 3.78
CA ARG A 33 -5.55 -6.14 3.94
C ARG A 33 -6.37 -6.25 2.65
N ILE A 34 -6.36 -5.18 1.87
CA ILE A 34 -7.10 -5.15 0.61
C ILE A 34 -6.45 -6.04 -0.44
N HIS A 35 -5.12 -6.19 -0.33
CA HIS A 35 -4.37 -7.01 -1.27
C HIS A 35 -4.24 -8.44 -0.76
N THR A 36 -3.92 -8.58 0.53
CA THR A 36 -3.77 -9.89 1.14
C THR A 36 -5.11 -10.60 1.27
N GLY A 37 -6.16 -9.82 1.50
CA GLY A 37 -7.49 -10.39 1.65
C GLY A 37 -8.41 -10.00 0.51
N GLU A 38 -8.18 -10.58 -0.67
CA GLU A 38 -9.00 -10.28 -1.84
C GLU A 38 -9.50 -11.56 -2.49
N LYS A 39 -10.65 -11.47 -3.15
CA LYS A 39 -11.24 -12.63 -3.82
C LYS A 39 -12.02 -12.20 -5.06
N PRO A 40 -12.27 -13.15 -5.97
CA PRO A 40 -13.00 -12.89 -7.21
C PRO A 40 -14.48 -12.62 -6.96
N SER A 41 -15.04 -11.70 -7.72
CA SER A 41 -16.45 -11.33 -7.58
C SER A 41 -17.36 -12.52 -7.88
N GLY A 42 -18.41 -12.68 -7.08
CA GLY A 42 -19.33 -13.78 -7.27
C GLY A 42 -20.44 -13.45 -8.25
N PRO A 43 -21.18 -14.47 -8.67
CA PRO A 43 -22.29 -14.31 -9.62
C PRO A 43 -23.48 -13.58 -8.99
N SER A 44 -24.49 -13.31 -9.81
CA SER A 44 -25.68 -12.61 -9.34
C SER A 44 -26.76 -12.58 -10.42
N SER A 45 -28.02 -12.59 -10.00
CA SER A 45 -29.14 -12.57 -10.92
C SER A 45 -30.34 -11.83 -10.33
N GLY A 46 -30.90 -10.91 -11.10
CA GLY A 46 -32.04 -10.14 -10.63
C GLY A 46 -32.72 -9.37 -11.74
N GLY A 1 -3.17 6.71 -6.72
CA GLY A 1 -3.52 7.91 -5.98
C GLY A 1 -3.35 9.17 -6.80
N SER A 2 -3.61 10.31 -6.19
CA SER A 2 -3.49 11.60 -6.86
C SER A 2 -2.12 12.22 -6.61
N SER A 3 -1.32 12.32 -7.67
CA SER A 3 0.02 12.89 -7.56
C SER A 3 -0.03 14.29 -6.92
N GLY A 4 0.44 14.39 -5.68
CA GLY A 4 0.44 15.65 -4.99
C GLY A 4 0.75 15.51 -3.51
N SER A 5 1.94 14.99 -3.21
CA SER A 5 2.35 14.80 -1.82
C SER A 5 3.02 16.05 -1.28
N SER A 6 2.99 16.21 0.04
CA SER A 6 3.58 17.37 0.70
C SER A 6 5.11 17.28 0.68
N GLY A 7 5.71 17.76 -0.40
CA GLY A 7 7.16 17.72 -0.52
C GLY A 7 7.69 16.31 -0.58
N THR A 8 8.44 15.91 0.45
CA THR A 8 9.02 14.56 0.50
C THR A 8 8.70 13.89 1.83
N GLY A 9 8.99 14.58 2.93
CA GLY A 9 8.72 14.02 4.24
C GLY A 9 9.37 12.67 4.44
N GLU A 10 8.82 11.88 5.36
CA GLU A 10 9.36 10.56 5.64
C GLU A 10 8.25 9.51 5.68
N LYS A 11 8.35 8.52 4.79
CA LYS A 11 7.35 7.45 4.72
C LYS A 11 7.99 6.15 4.25
N PRO A 12 8.73 5.50 5.14
CA PRO A 12 9.40 4.23 4.84
C PRO A 12 8.42 3.08 4.68
N PHE A 13 7.18 3.30 5.11
CA PHE A 13 6.14 2.27 5.01
C PHE A 13 5.20 2.56 3.84
N ASP A 14 5.68 2.29 2.63
CA ASP A 14 4.89 2.51 1.43
C ASP A 14 4.40 1.20 0.83
N CYS A 15 3.08 1.09 0.63
CA CYS A 15 2.49 -0.12 0.08
C CYS A 15 3.12 -0.45 -1.28
N ILE A 16 3.86 -1.56 -1.32
CA ILE A 16 4.52 -2.00 -2.54
C ILE A 16 3.54 -2.72 -3.46
N ASP A 17 2.29 -2.87 -3.00
CA ASP A 17 1.26 -3.53 -3.78
C ASP A 17 0.62 -2.56 -4.77
N CYS A 18 0.24 -1.39 -4.28
CA CYS A 18 -0.39 -0.38 -5.12
C CYS A 18 0.54 0.81 -5.33
N GLY A 19 1.33 1.13 -4.31
CA GLY A 19 2.26 2.24 -4.40
C GLY A 19 1.90 3.37 -3.45
N LYS A 20 1.12 3.06 -2.42
CA LYS A 20 0.71 4.06 -1.45
C LYS A 20 1.84 4.34 -0.45
N ALA A 21 1.66 5.38 0.35
CA ALA A 21 2.67 5.75 1.34
C ALA A 21 2.05 5.88 2.72
N PHE A 22 2.79 5.44 3.75
CA PHE A 22 2.30 5.51 5.12
C PHE A 22 3.45 5.80 6.08
N SER A 23 3.16 6.55 7.13
CA SER A 23 4.17 6.89 8.13
C SER A 23 4.01 6.04 9.38
N ASP A 24 3.71 4.76 9.19
CA ASP A 24 3.54 3.84 10.31
C ASP A 24 3.24 2.43 9.80
N HIS A 25 3.91 1.44 10.39
CA HIS A 25 3.72 0.05 10.00
C HIS A 25 2.23 -0.32 10.02
N ILE A 26 1.59 -0.09 11.15
CA ILE A 26 0.17 -0.39 11.30
C ILE A 26 -0.65 0.22 10.17
N GLY A 27 -0.48 1.53 9.96
CA GLY A 27 -1.20 2.20 8.90
C GLY A 27 -1.05 1.52 7.56
N LEU A 28 0.13 0.95 7.31
CA LEU A 28 0.40 0.27 6.06
C LEU A 28 -0.25 -1.11 6.03
N ASN A 29 0.08 -1.93 7.02
CA ASN A 29 -0.49 -3.28 7.12
C ASN A 29 -2.01 -3.24 7.07
N GLN A 30 -2.59 -2.33 7.84
CA GLN A 30 -4.04 -2.19 7.88
C GLN A 30 -4.60 -1.86 6.49
N HIS A 31 -3.77 -1.28 5.64
CA HIS A 31 -4.17 -0.93 4.30
C HIS A 31 -3.96 -2.10 3.33
N ARG A 32 -2.95 -2.92 3.62
CA ARG A 32 -2.65 -4.07 2.78
C ARG A 32 -3.78 -5.08 2.83
N ARG A 33 -4.67 -4.93 3.80
CA ARG A 33 -5.80 -5.85 3.96
C ARG A 33 -6.61 -5.92 2.67
N ILE A 34 -6.56 -4.87 1.87
CA ILE A 34 -7.29 -4.81 0.61
C ILE A 34 -6.65 -5.73 -0.43
N HIS A 35 -5.34 -5.92 -0.31
CA HIS A 35 -4.60 -6.77 -1.24
C HIS A 35 -4.54 -8.21 -0.72
N THR A 36 -4.24 -8.36 0.56
CA THR A 36 -4.15 -9.68 1.18
C THR A 36 -5.49 -10.40 1.14
N GLY A 37 -5.45 -11.72 1.32
CA GLY A 37 -6.67 -12.51 1.30
C GLY A 37 -6.85 -13.27 0.01
N GLU A 38 -8.07 -13.27 -0.52
CA GLU A 38 -8.36 -13.98 -1.77
C GLU A 38 -8.47 -13.01 -2.94
N LYS A 39 -8.63 -13.55 -4.13
CA LYS A 39 -8.74 -12.74 -5.33
C LYS A 39 -10.03 -13.04 -6.08
N PRO A 40 -10.44 -12.11 -6.96
CA PRO A 40 -11.67 -12.26 -7.75
C PRO A 40 -11.54 -13.34 -8.82
N SER A 41 -12.68 -13.77 -9.35
CA SER A 41 -12.69 -14.81 -10.38
C SER A 41 -11.95 -16.06 -9.91
N GLY A 42 -12.17 -16.42 -8.64
CA GLY A 42 -11.51 -17.58 -8.09
C GLY A 42 -11.49 -17.57 -6.57
N PRO A 43 -12.66 -17.72 -5.95
CA PRO A 43 -12.80 -17.74 -4.50
C PRO A 43 -12.19 -18.98 -3.87
N SER A 44 -11.95 -20.00 -4.68
CA SER A 44 -11.38 -21.25 -4.20
C SER A 44 -10.14 -21.62 -5.01
N SER A 45 -10.22 -21.43 -6.32
CA SER A 45 -9.11 -21.76 -7.21
C SER A 45 -8.21 -20.54 -7.41
N GLY A 46 -6.95 -20.66 -6.99
CA GLY A 46 -6.00 -19.57 -7.14
C GLY A 46 -4.58 -20.01 -6.92
N GLY A 1 3.09 12.15 -19.00
CA GLY A 1 2.54 11.60 -17.78
C GLY A 1 2.12 12.68 -16.79
N SER A 2 1.78 12.27 -15.57
CA SER A 2 1.35 13.19 -14.54
C SER A 2 2.39 13.29 -13.42
N SER A 3 2.61 14.50 -12.93
CA SER A 3 3.59 14.73 -11.86
C SER A 3 3.19 15.93 -11.01
N GLY A 4 3.45 15.84 -9.72
CA GLY A 4 3.12 16.94 -8.82
C GLY A 4 2.76 16.44 -7.42
N SER A 5 3.34 17.09 -6.41
CA SER A 5 3.08 16.70 -5.02
C SER A 5 3.15 17.92 -4.11
N SER A 6 2.93 17.69 -2.81
CA SER A 6 2.96 18.77 -1.83
C SER A 6 3.06 18.21 -0.41
N GLY A 7 3.79 18.91 0.44
CA GLY A 7 3.96 18.47 1.81
C GLY A 7 5.37 18.03 2.11
N THR A 8 5.54 17.30 3.22
CA THR A 8 6.86 16.82 3.61
C THR A 8 6.75 15.78 4.73
N GLY A 9 7.68 14.83 4.75
CA GLY A 9 7.67 13.81 5.77
C GLY A 9 8.10 12.45 5.23
N GLU A 10 9.04 11.81 5.91
CA GLU A 10 9.53 10.51 5.49
C GLU A 10 8.42 9.46 5.54
N LYS A 11 8.42 8.56 4.57
CA LYS A 11 7.42 7.51 4.50
C LYS A 11 8.06 6.17 4.12
N PRO A 12 8.75 5.55 5.08
CA PRO A 12 9.42 4.26 4.88
C PRO A 12 8.42 3.12 4.71
N PHE A 13 7.18 3.37 5.10
CA PHE A 13 6.13 2.35 5.00
C PHE A 13 5.20 2.65 3.82
N ASP A 14 5.66 2.33 2.62
CA ASP A 14 4.87 2.56 1.41
C ASP A 14 4.40 1.24 0.82
N CYS A 15 3.09 1.10 0.65
CA CYS A 15 2.51 -0.11 0.08
C CYS A 15 3.15 -0.44 -1.27
N ILE A 16 3.86 -1.55 -1.32
CA ILE A 16 4.51 -1.98 -2.55
C ILE A 16 3.54 -2.70 -3.48
N ASP A 17 2.34 -2.94 -2.97
CA ASP A 17 1.31 -3.62 -3.75
C ASP A 17 0.65 -2.66 -4.75
N CYS A 18 0.26 -1.49 -4.26
CA CYS A 18 -0.38 -0.49 -5.11
C CYS A 18 0.54 0.71 -5.32
N GLY A 19 1.31 1.04 -4.29
CA GLY A 19 2.23 2.17 -4.39
C GLY A 19 1.85 3.30 -3.44
N LYS A 20 1.07 2.98 -2.42
CA LYS A 20 0.64 3.97 -1.45
C LYS A 20 1.76 4.30 -0.47
N ALA A 21 1.55 5.33 0.34
CA ALA A 21 2.55 5.73 1.33
C ALA A 21 1.93 5.83 2.72
N PHE A 22 2.72 5.51 3.74
CA PHE A 22 2.25 5.57 5.12
C PHE A 22 3.41 5.87 6.07
N SER A 23 3.10 6.60 7.14
CA SER A 23 4.10 6.97 8.13
C SER A 23 3.97 6.13 9.39
N ASP A 24 3.57 4.86 9.21
CA ASP A 24 3.40 3.95 10.34
C ASP A 24 3.15 2.54 9.85
N HIS A 25 3.84 1.57 10.44
CA HIS A 25 3.69 0.16 10.07
C HIS A 25 2.23 -0.25 10.11
N ILE A 26 1.58 -0.04 11.25
CA ILE A 26 0.18 -0.39 11.42
C ILE A 26 -0.67 0.19 10.29
N GLY A 27 -0.46 1.47 10.00
CA GLY A 27 -1.21 2.12 8.94
C GLY A 27 -1.06 1.42 7.60
N LEU A 28 0.16 0.96 7.31
CA LEU A 28 0.44 0.28 6.06
C LEU A 28 -0.20 -1.11 6.04
N ASN A 29 0.14 -1.93 7.02
CA ASN A 29 -0.39 -3.28 7.11
C ASN A 29 -1.92 -3.25 7.08
N GLN A 30 -2.52 -2.35 7.85
CA GLN A 30 -3.96 -2.23 7.90
C GLN A 30 -4.53 -1.92 6.53
N HIS A 31 -3.71 -1.34 5.67
CA HIS A 31 -4.13 -0.99 4.32
C HIS A 31 -3.92 -2.15 3.36
N ARG A 32 -2.90 -2.96 3.64
CA ARG A 32 -2.59 -4.11 2.80
C ARG A 32 -3.72 -5.14 2.85
N ARG A 33 -4.61 -4.99 3.84
CA ARG A 33 -5.72 -5.91 4.00
C ARG A 33 -6.55 -6.00 2.72
N ILE A 34 -6.51 -4.94 1.92
CA ILE A 34 -7.24 -4.90 0.66
C ILE A 34 -6.61 -5.81 -0.38
N HIS A 35 -5.29 -6.00 -0.27
CA HIS A 35 -4.57 -6.84 -1.20
C HIS A 35 -4.50 -8.28 -0.69
N THR A 36 -4.19 -8.44 0.60
CA THR A 36 -4.09 -9.75 1.21
C THR A 36 -5.46 -10.39 1.37
N GLY A 37 -5.82 -11.25 0.43
CA GLY A 37 -7.11 -11.91 0.48
C GLY A 37 -7.00 -13.41 0.33
N GLU A 38 -8.07 -14.05 -0.12
CA GLU A 38 -8.09 -15.50 -0.31
C GLU A 38 -7.59 -15.87 -1.70
N LYS A 39 -6.59 -16.75 -1.75
CA LYS A 39 -6.02 -17.19 -3.01
C LYS A 39 -5.38 -16.03 -3.77
N PRO A 40 -4.50 -16.35 -4.71
CA PRO A 40 -3.80 -15.35 -5.52
C PRO A 40 -4.74 -14.63 -6.49
N SER A 41 -4.55 -13.32 -6.63
CA SER A 41 -5.38 -12.53 -7.53
C SER A 41 -4.73 -12.41 -8.91
N GLY A 42 -5.42 -12.92 -9.92
CA GLY A 42 -4.89 -12.86 -11.27
C GLY A 42 -5.06 -14.16 -12.02
N PRO A 43 -4.60 -14.20 -13.28
CA PRO A 43 -4.68 -15.39 -14.12
C PRO A 43 -3.76 -16.51 -13.65
N SER A 44 -2.53 -16.15 -13.31
CA SER A 44 -1.54 -17.13 -12.85
C SER A 44 -1.33 -17.00 -11.35
N SER A 45 -0.97 -18.11 -10.71
CA SER A 45 -0.73 -18.12 -9.27
C SER A 45 0.73 -17.78 -8.96
N GLY A 46 1.65 -18.44 -9.65
CA GLY A 46 3.06 -18.20 -9.44
C GLY A 46 3.90 -18.53 -10.66
N GLY A 1 -11.52 6.23 -8.43
CA GLY A 1 -10.40 5.95 -9.32
C GLY A 1 -9.06 6.25 -8.67
N SER A 2 -7.98 6.00 -9.41
CA SER A 2 -6.63 6.24 -8.90
C SER A 2 -6.39 7.72 -8.68
N SER A 3 -6.53 8.17 -7.44
CA SER A 3 -6.32 9.58 -7.11
C SER A 3 -4.84 9.91 -7.06
N GLY A 4 -4.40 10.80 -7.96
CA GLY A 4 -3.01 11.19 -8.00
C GLY A 4 -2.73 12.46 -7.22
N SER A 5 -1.95 12.33 -6.15
CA SER A 5 -1.61 13.48 -5.31
C SER A 5 -0.13 13.48 -4.96
N SER A 6 0.29 14.47 -4.18
CA SER A 6 1.68 14.59 -3.76
C SER A 6 1.86 14.17 -2.31
N GLY A 7 3.11 14.16 -1.86
CA GLY A 7 3.39 13.78 -0.49
C GLY A 7 4.87 13.82 -0.17
N THR A 8 5.24 14.68 0.80
CA THR A 8 6.63 14.80 1.19
C THR A 8 6.86 14.30 2.61
N GLY A 9 8.11 14.29 3.04
CA GLY A 9 8.43 13.82 4.37
C GLY A 9 9.06 12.44 4.38
N GLU A 10 9.00 11.76 5.51
CA GLU A 10 9.57 10.42 5.64
C GLU A 10 8.47 9.37 5.69
N LYS A 11 8.41 8.51 4.67
CA LYS A 11 7.40 7.46 4.60
C LYS A 11 8.02 6.14 4.18
N PRO A 12 8.75 5.49 5.12
CA PRO A 12 9.41 4.22 4.86
C PRO A 12 8.41 3.07 4.71
N PHE A 13 7.17 3.32 5.11
CA PHE A 13 6.13 2.30 5.01
C PHE A 13 5.18 2.60 3.84
N ASP A 14 5.64 2.29 2.64
CA ASP A 14 4.84 2.52 1.43
C ASP A 14 4.36 1.21 0.84
N CYS A 15 3.05 1.09 0.64
CA CYS A 15 2.47 -0.11 0.08
C CYS A 15 3.10 -0.45 -1.27
N ILE A 16 3.85 -1.55 -1.31
CA ILE A 16 4.51 -1.98 -2.54
C ILE A 16 3.54 -2.70 -3.45
N ASP A 17 2.30 -2.86 -3.00
CA ASP A 17 1.26 -3.53 -3.78
C ASP A 17 0.62 -2.56 -4.77
N CYS A 18 0.23 -1.40 -4.28
CA CYS A 18 -0.39 -0.38 -5.13
C CYS A 18 0.54 0.81 -5.34
N GLY A 19 1.31 1.13 -4.31
CA GLY A 19 2.23 2.25 -4.40
C GLY A 19 1.88 3.38 -3.45
N LYS A 20 1.08 3.05 -2.43
CA LYS A 20 0.67 4.05 -1.44
C LYS A 20 1.80 4.35 -0.46
N ALA A 21 1.59 5.36 0.37
CA ALA A 21 2.59 5.75 1.36
C ALA A 21 1.98 5.86 2.74
N PHE A 22 2.76 5.49 3.76
CA PHE A 22 2.27 5.54 5.14
C PHE A 22 3.44 5.83 6.10
N SER A 23 3.14 6.59 7.17
CA SER A 23 4.15 6.94 8.15
C SER A 23 4.02 6.07 9.40
N ASP A 24 3.67 4.80 9.21
CA ASP A 24 3.51 3.87 10.32
C ASP A 24 3.22 2.46 9.81
N HIS A 25 3.89 1.49 10.40
CA HIS A 25 3.71 0.09 10.01
C HIS A 25 2.23 -0.30 10.03
N ILE A 26 1.58 -0.06 11.16
CA ILE A 26 0.17 -0.38 11.30
C ILE A 26 -0.66 0.22 10.17
N GLY A 27 -0.50 1.53 9.96
CA GLY A 27 -1.22 2.20 8.91
C GLY A 27 -1.06 1.53 7.56
N LEU A 28 0.12 0.97 7.31
CA LEU A 28 0.40 0.28 6.06
C LEU A 28 -0.26 -1.09 6.04
N ASN A 29 0.08 -1.92 7.01
CA ASN A 29 -0.47 -3.27 7.11
C ASN A 29 -1.99 -3.23 7.06
N GLN A 30 -2.59 -2.34 7.84
CA GLN A 30 -4.04 -2.20 7.88
C GLN A 30 -4.60 -1.88 6.49
N HIS A 31 -3.77 -1.28 5.64
CA HIS A 31 -4.18 -0.93 4.29
C HIS A 31 -3.97 -2.10 3.34
N ARG A 32 -2.95 -2.92 3.62
CA ARG A 32 -2.65 -4.07 2.78
C ARG A 32 -3.78 -5.09 2.82
N ARG A 33 -4.67 -4.93 3.80
CA ARG A 33 -5.80 -5.85 3.96
C ARG A 33 -6.60 -5.93 2.66
N ILE A 34 -6.56 -4.87 1.87
CA ILE A 34 -7.29 -4.82 0.60
C ILE A 34 -6.64 -5.73 -0.43
N HIS A 35 -5.33 -5.92 -0.32
CA HIS A 35 -4.59 -6.77 -1.24
C HIS A 35 -4.52 -8.20 -0.73
N THR A 36 -4.23 -8.36 0.56
CA THR A 36 -4.13 -9.67 1.18
C THR A 36 -5.49 -10.37 1.19
N GLY A 37 -5.46 -11.70 1.13
CA GLY A 37 -6.69 -12.46 1.14
C GLY A 37 -6.65 -13.63 0.19
N GLU A 38 -6.30 -13.37 -1.07
CA GLU A 38 -6.23 -14.42 -2.08
C GLU A 38 -5.03 -14.20 -3.01
N LYS A 39 -4.18 -15.21 -3.11
CA LYS A 39 -3.00 -15.13 -3.96
C LYS A 39 -3.37 -15.30 -5.42
N PRO A 40 -2.47 -14.86 -6.31
CA PRO A 40 -2.67 -14.96 -7.77
C PRO A 40 -2.62 -16.40 -8.27
N SER A 41 -3.74 -17.10 -8.16
CA SER A 41 -3.82 -18.49 -8.59
C SER A 41 -4.04 -18.58 -10.10
N GLY A 42 -2.97 -18.44 -10.85
CA GLY A 42 -3.07 -18.50 -12.30
C GLY A 42 -1.72 -18.69 -12.97
N PRO A 43 -1.72 -18.80 -14.30
CA PRO A 43 -0.50 -18.99 -15.09
C PRO A 43 0.38 -17.75 -15.10
N SER A 44 1.46 -17.79 -15.88
CA SER A 44 2.38 -16.67 -15.97
C SER A 44 1.96 -15.70 -17.08
N SER A 45 2.57 -14.52 -17.10
CA SER A 45 2.25 -13.51 -18.10
C SER A 45 3.52 -12.93 -18.72
N GLY A 46 4.57 -13.76 -18.80
CA GLY A 46 5.82 -13.32 -19.36
C GLY A 46 6.53 -12.30 -18.48
N GLY A 1 -9.84 24.73 14.08
CA GLY A 1 -9.15 24.98 12.83
C GLY A 1 -8.30 23.81 12.38
N SER A 2 -8.95 22.77 11.87
CA SER A 2 -8.24 21.58 11.41
C SER A 2 -7.96 21.66 9.91
N SER A 3 -6.78 21.21 9.52
CA SER A 3 -6.39 21.24 8.11
C SER A 3 -6.62 19.87 7.45
N GLY A 4 -6.46 19.82 6.14
CA GLY A 4 -6.65 18.57 5.41
C GLY A 4 -5.65 17.51 5.80
N SER A 5 -4.38 17.74 5.45
CA SER A 5 -3.32 16.79 5.76
C SER A 5 -2.06 17.52 6.19
N SER A 6 -1.20 16.81 6.94
CA SER A 6 0.04 17.41 7.42
C SER A 6 1.00 16.32 7.91
N GLY A 7 2.25 16.70 8.15
CA GLY A 7 3.24 15.75 8.62
C GLY A 7 4.58 15.90 7.93
N THR A 8 5.57 16.37 8.66
CA THR A 8 6.91 16.57 8.11
C THR A 8 7.82 15.42 8.46
N GLY A 9 8.17 14.61 7.45
CA GLY A 9 9.04 13.47 7.67
C GLY A 9 9.15 12.59 6.45
N GLU A 10 9.46 11.32 6.67
CA GLU A 10 9.60 10.36 5.58
C GLU A 10 8.52 9.29 5.66
N LYS A 11 8.35 8.55 4.57
CA LYS A 11 7.34 7.49 4.51
C LYS A 11 7.97 6.16 4.10
N PRO A 12 8.69 5.53 5.04
CA PRO A 12 9.37 4.25 4.80
C PRO A 12 8.38 3.10 4.65
N PHE A 13 7.13 3.34 5.06
CA PHE A 13 6.09 2.33 4.97
C PHE A 13 5.16 2.60 3.80
N ASP A 14 5.64 2.31 2.59
CA ASP A 14 4.85 2.52 1.38
C ASP A 14 4.37 1.20 0.80
N CYS A 15 3.06 1.09 0.59
CA CYS A 15 2.47 -0.12 0.05
C CYS A 15 3.09 -0.47 -1.30
N ILE A 16 3.83 -1.57 -1.33
CA ILE A 16 4.48 -2.02 -2.56
C ILE A 16 3.50 -2.75 -3.47
N ASP A 17 2.26 -2.89 -3.00
CA ASP A 17 1.22 -3.56 -3.78
C ASP A 17 0.57 -2.60 -4.77
N CYS A 18 0.19 -1.42 -4.27
CA CYS A 18 -0.44 -0.41 -5.11
C CYS A 18 0.48 0.77 -5.34
N GLY A 19 1.28 1.11 -4.32
CA GLY A 19 2.20 2.22 -4.43
C GLY A 19 1.85 3.35 -3.49
N LYS A 20 1.08 3.05 -2.45
CA LYS A 20 0.67 4.05 -1.48
C LYS A 20 1.81 4.35 -0.51
N ALA A 21 1.63 5.39 0.31
CA ALA A 21 2.64 5.78 1.28
C ALA A 21 2.03 5.93 2.67
N PHE A 22 2.75 5.48 3.69
CA PHE A 22 2.29 5.56 5.07
C PHE A 22 3.44 5.87 6.02
N SER A 23 3.15 6.62 7.08
CA SER A 23 4.16 6.98 8.06
C SER A 23 4.02 6.14 9.32
N ASP A 24 3.55 4.91 9.16
CA ASP A 24 3.36 4.00 10.29
C ASP A 24 3.11 2.58 9.80
N HIS A 25 3.84 1.62 10.38
CA HIS A 25 3.69 0.22 10.00
C HIS A 25 2.22 -0.20 10.06
N ILE A 26 1.61 0.00 11.21
CA ILE A 26 0.20 -0.37 11.40
C ILE A 26 -0.66 0.21 10.29
N GLY A 27 -0.46 1.50 9.99
CA GLY A 27 -1.23 2.15 8.95
C GLY A 27 -1.09 1.46 7.60
N LEU A 28 0.12 0.98 7.31
CA LEU A 28 0.38 0.30 6.05
C LEU A 28 -0.26 -1.08 6.03
N ASN A 29 0.08 -1.90 7.04
CA ASN A 29 -0.47 -3.25 7.14
C ASN A 29 -1.99 -3.23 7.08
N GLN A 30 -2.59 -2.35 7.87
CA GLN A 30 -4.04 -2.22 7.91
C GLN A 30 -4.60 -1.91 6.53
N HIS A 31 -3.77 -1.31 5.68
CA HIS A 31 -4.18 -0.96 4.32
C HIS A 31 -3.97 -2.12 3.36
N ARG A 32 -2.95 -2.94 3.64
CA ARG A 32 -2.63 -4.08 2.81
C ARG A 32 -3.75 -5.11 2.86
N ARG A 33 -4.64 -4.97 3.84
CA ARG A 33 -5.75 -5.89 4.00
C ARG A 33 -6.58 -5.98 2.72
N ILE A 34 -6.54 -4.91 1.92
CA ILE A 34 -7.28 -4.89 0.66
C ILE A 34 -6.63 -5.78 -0.38
N HIS A 35 -5.32 -5.96 -0.27
CA HIS A 35 -4.58 -6.81 -1.21
C HIS A 35 -4.48 -8.24 -0.69
N THR A 36 -4.17 -8.38 0.60
CA THR A 36 -4.04 -9.69 1.21
C THR A 36 -5.39 -10.41 1.24
N GLY A 37 -5.34 -11.73 1.09
CA GLY A 37 -6.56 -12.52 1.11
C GLY A 37 -6.87 -13.12 -0.25
N GLU A 38 -8.05 -12.80 -0.77
CA GLU A 38 -8.47 -13.33 -2.08
C GLU A 38 -7.79 -12.56 -3.21
N LYS A 39 -7.95 -13.07 -4.43
CA LYS A 39 -7.36 -12.43 -5.61
C LYS A 39 -8.43 -12.06 -6.61
N PRO A 40 -8.09 -11.13 -7.53
CA PRO A 40 -9.02 -10.67 -8.57
C PRO A 40 -9.30 -11.74 -9.62
N SER A 41 -8.33 -12.63 -9.81
CA SER A 41 -8.47 -13.71 -10.79
C SER A 41 -8.70 -13.14 -12.19
N GLY A 42 -7.98 -12.08 -12.51
CA GLY A 42 -8.12 -11.46 -13.82
C GLY A 42 -6.79 -11.09 -14.43
N PRO A 43 -6.18 -10.01 -13.93
CA PRO A 43 -4.88 -9.53 -14.42
C PRO A 43 -3.73 -10.47 -14.06
N SER A 44 -2.79 -10.63 -14.97
CA SER A 44 -1.65 -11.51 -14.77
C SER A 44 -0.46 -10.72 -14.22
N SER A 45 -0.14 -10.92 -12.95
CA SER A 45 0.97 -10.23 -12.32
C SER A 45 2.03 -11.22 -11.85
N GLY A 46 3.18 -10.70 -11.40
CA GLY A 46 4.25 -11.55 -10.95
C GLY A 46 3.98 -12.14 -9.58
N GLY A 1 -0.58 8.26 -17.44
CA GLY A 1 -0.61 9.24 -16.37
C GLY A 1 0.31 8.88 -15.22
N SER A 2 0.82 9.90 -14.54
CA SER A 2 1.73 9.67 -13.41
C SER A 2 1.52 10.73 -12.33
N SER A 3 2.25 10.59 -11.23
CA SER A 3 2.14 11.54 -10.12
C SER A 3 3.42 11.55 -9.29
N GLY A 4 4.04 12.72 -9.20
CA GLY A 4 5.27 12.85 -8.44
C GLY A 4 5.03 12.81 -6.94
N SER A 5 5.81 13.59 -6.19
CA SER A 5 5.68 13.64 -4.75
C SER A 5 6.54 14.74 -4.15
N SER A 6 5.95 15.59 -3.32
CA SER A 6 6.66 16.69 -2.69
C SER A 6 6.27 16.83 -1.22
N GLY A 7 6.93 17.75 -0.53
CA GLY A 7 6.64 17.97 0.87
C GLY A 7 7.58 17.20 1.78
N THR A 8 7.84 17.75 2.96
CA THR A 8 8.73 17.12 3.92
C THR A 8 8.04 15.96 4.64
N GLY A 9 8.83 15.01 5.12
CA GLY A 9 8.27 13.87 5.83
C GLY A 9 8.79 12.55 5.29
N GLU A 10 9.12 11.63 6.19
CA GLU A 10 9.63 10.33 5.81
C GLU A 10 8.53 9.27 5.86
N LYS A 11 8.40 8.51 4.77
CA LYS A 11 7.39 7.46 4.69
C LYS A 11 8.01 6.15 4.23
N PRO A 12 8.74 5.48 5.15
CA PRO A 12 9.38 4.20 4.87
C PRO A 12 8.39 3.07 4.69
N PHE A 13 7.15 3.31 5.11
CA PHE A 13 6.10 2.29 5.00
C PHE A 13 5.17 2.61 3.83
N ASP A 14 5.65 2.34 2.62
CA ASP A 14 4.87 2.58 1.42
C ASP A 14 4.40 1.27 0.79
N CYS A 15 3.08 1.14 0.62
CA CYS A 15 2.50 -0.06 0.04
C CYS A 15 3.12 -0.37 -1.33
N ILE A 16 3.79 -1.50 -1.43
CA ILE A 16 4.42 -1.91 -2.68
C ILE A 16 3.42 -2.58 -3.61
N ASP A 17 2.26 -2.92 -3.08
CA ASP A 17 1.21 -3.56 -3.86
C ASP A 17 0.59 -2.58 -4.84
N CYS A 18 0.21 -1.40 -4.34
CA CYS A 18 -0.40 -0.38 -5.18
C CYS A 18 0.56 0.80 -5.38
N GLY A 19 1.32 1.12 -4.33
CA GLY A 19 2.26 2.23 -4.41
C GLY A 19 1.91 3.36 -3.48
N LYS A 20 1.10 3.06 -2.46
CA LYS A 20 0.68 4.06 -1.49
C LYS A 20 1.80 4.36 -0.51
N ALA A 21 1.60 5.40 0.31
CA ALA A 21 2.60 5.78 1.31
C ALA A 21 1.98 5.90 2.68
N PHE A 22 2.72 5.48 3.71
CA PHE A 22 2.24 5.54 5.08
C PHE A 22 3.38 5.83 6.05
N SER A 23 3.08 6.59 7.10
CA SER A 23 4.09 6.94 8.09
C SER A 23 3.94 6.09 9.35
N ASP A 24 3.60 4.82 9.17
CA ASP A 24 3.43 3.89 10.27
C ASP A 24 3.15 2.48 9.78
N HIS A 25 3.87 1.51 10.34
CA HIS A 25 3.69 0.12 9.95
C HIS A 25 2.23 -0.29 10.00
N ILE A 26 1.60 -0.07 11.14
CA ILE A 26 0.19 -0.41 11.33
C ILE A 26 -0.66 0.17 10.21
N GLY A 27 -0.47 1.47 9.94
CA GLY A 27 -1.23 2.13 8.90
C GLY A 27 -1.09 1.44 7.55
N LEU A 28 0.12 0.96 7.26
CA LEU A 28 0.39 0.29 6.00
C LEU A 28 -0.26 -1.10 5.97
N ASN A 29 0.09 -1.92 6.96
CA ASN A 29 -0.45 -3.28 7.06
C ASN A 29 -1.98 -3.26 7.00
N GLN A 30 -2.59 -2.37 7.79
CA GLN A 30 -4.03 -2.26 7.84
C GLN A 30 -4.59 -1.93 6.45
N HIS A 31 -3.77 -1.32 5.61
CA HIS A 31 -4.18 -0.96 4.26
C HIS A 31 -3.96 -2.12 3.29
N ARG A 32 -2.94 -2.92 3.57
CA ARG A 32 -2.62 -4.07 2.73
C ARG A 32 -3.74 -5.11 2.77
N ARG A 33 -4.63 -4.97 3.76
CA ARG A 33 -5.75 -5.89 3.91
C ARG A 33 -6.57 -5.98 2.63
N ILE A 34 -6.53 -4.91 1.84
CA ILE A 34 -7.26 -4.88 0.58
C ILE A 34 -6.62 -5.77 -0.47
N HIS A 35 -5.29 -5.95 -0.35
CA HIS A 35 -4.56 -6.78 -1.29
C HIS A 35 -4.46 -8.22 -0.78
N THR A 36 -4.15 -8.36 0.50
CA THR A 36 -4.02 -9.68 1.12
C THR A 36 -5.39 -10.33 1.31
N GLY A 37 -5.39 -11.61 1.62
CA GLY A 37 -6.63 -12.33 1.83
C GLY A 37 -7.00 -13.22 0.65
N GLU A 38 -8.06 -12.86 -0.04
CA GLU A 38 -8.52 -13.64 -1.19
C GLU A 38 -7.38 -13.86 -2.18
N LYS A 39 -7.47 -14.96 -2.93
CA LYS A 39 -6.44 -15.30 -3.91
C LYS A 39 -7.05 -16.04 -5.09
N PRO A 40 -6.32 -16.05 -6.22
CA PRO A 40 -6.76 -16.73 -7.44
C PRO A 40 -6.75 -18.25 -7.31
N SER A 41 -7.84 -18.89 -7.75
CA SER A 41 -7.96 -20.34 -7.67
C SER A 41 -8.19 -20.94 -9.04
N GLY A 42 -7.26 -21.78 -9.48
CA GLY A 42 -7.38 -22.41 -10.79
C GLY A 42 -6.03 -22.75 -11.39
N PRO A 43 -6.05 -23.42 -12.54
CA PRO A 43 -4.83 -23.83 -13.25
C PRO A 43 -4.08 -22.64 -13.84
N SER A 44 -2.79 -22.54 -13.51
CA SER A 44 -1.96 -21.45 -13.99
C SER A 44 -1.92 -21.43 -15.52
N SER A 45 -1.78 -20.24 -16.09
CA SER A 45 -1.73 -20.09 -17.54
C SER A 45 -0.54 -19.23 -17.96
N GLY A 46 0.66 -19.75 -17.73
CA GLY A 46 1.87 -19.02 -18.09
C GLY A 46 2.93 -19.92 -18.69
N GLY A 1 11.09 23.17 -14.82
CA GLY A 1 10.14 23.66 -13.82
C GLY A 1 9.74 22.59 -12.83
N SER A 2 10.28 22.66 -11.63
CA SER A 2 9.97 21.68 -10.59
C SER A 2 9.46 22.38 -9.33
N SER A 3 8.56 21.71 -8.62
CA SER A 3 7.99 22.25 -7.39
C SER A 3 7.73 21.16 -6.37
N GLY A 4 8.51 21.17 -5.30
CA GLY A 4 8.35 20.16 -4.26
C GLY A 4 7.04 20.29 -3.52
N SER A 5 6.31 19.19 -3.43
CA SER A 5 5.02 19.18 -2.75
C SER A 5 5.20 19.24 -1.24
N SER A 6 4.34 20.02 -0.58
CA SER A 6 4.41 20.17 0.87
C SER A 6 4.04 18.86 1.57
N GLY A 7 5.04 18.15 2.07
CA GLY A 7 4.80 16.89 2.75
C GLY A 7 5.98 16.45 3.59
N THR A 8 6.16 17.09 4.74
CA THR A 8 7.27 16.75 5.63
C THR A 8 7.13 15.33 6.16
N GLY A 9 8.21 14.81 6.74
CA GLY A 9 8.20 13.46 7.28
C GLY A 9 8.27 12.40 6.20
N GLU A 10 9.35 11.62 6.24
CA GLU A 10 9.55 10.55 5.25
C GLU A 10 8.41 9.54 5.29
N LYS A 11 8.50 8.51 4.48
CA LYS A 11 7.48 7.48 4.43
C LYS A 11 8.09 6.12 4.07
N PRO A 12 8.77 5.51 5.06
CA PRO A 12 9.42 4.21 4.89
C PRO A 12 8.40 3.07 4.75
N PHE A 13 7.15 3.36 5.11
CA PHE A 13 6.09 2.36 5.03
C PHE A 13 5.17 2.64 3.85
N ASP A 14 5.65 2.33 2.64
CA ASP A 14 4.87 2.55 1.43
C ASP A 14 4.40 1.22 0.84
N CYS A 15 3.08 1.08 0.69
CA CYS A 15 2.50 -0.14 0.15
C CYS A 15 3.11 -0.47 -1.21
N ILE A 16 3.79 -1.61 -1.29
CA ILE A 16 4.42 -2.04 -2.53
C ILE A 16 3.41 -2.73 -3.44
N ASP A 17 2.25 -3.05 -2.90
CA ASP A 17 1.20 -3.72 -3.67
C ASP A 17 0.57 -2.75 -4.67
N CYS A 18 0.18 -1.57 -4.19
CA CYS A 18 -0.43 -0.57 -5.05
C CYS A 18 0.53 0.61 -5.27
N GLY A 19 1.29 0.95 -4.24
CA GLY A 19 2.23 2.05 -4.35
C GLY A 19 1.87 3.20 -3.45
N LYS A 20 1.07 2.93 -2.42
CA LYS A 20 0.65 3.96 -1.47
C LYS A 20 1.78 4.30 -0.52
N ALA A 21 1.55 5.30 0.33
CA ALA A 21 2.55 5.73 1.31
C ALA A 21 1.93 5.85 2.71
N PHE A 22 2.72 5.53 3.71
CA PHE A 22 2.25 5.60 5.10
C PHE A 22 3.42 5.92 6.04
N SER A 23 3.11 6.67 7.09
CA SER A 23 4.13 7.05 8.08
C SER A 23 4.01 6.21 9.34
N ASP A 24 3.52 4.99 9.18
CA ASP A 24 3.35 4.07 10.31
C ASP A 24 3.12 2.65 9.83
N HIS A 25 3.85 1.71 10.42
CA HIS A 25 3.73 0.30 10.06
C HIS A 25 2.27 -0.15 10.09
N ILE A 26 1.64 0.03 11.25
CA ILE A 26 0.24 -0.36 11.42
C ILE A 26 -0.63 0.22 10.30
N GLY A 27 -0.45 1.51 10.03
CA GLY A 27 -1.23 2.17 8.99
C GLY A 27 -1.07 1.48 7.64
N LEU A 28 0.13 0.98 7.38
CA LEU A 28 0.41 0.30 6.11
C LEU A 28 -0.22 -1.09 6.08
N ASN A 29 0.11 -1.90 7.08
CA ASN A 29 -0.42 -3.26 7.18
C ASN A 29 -1.94 -3.25 7.12
N GLN A 30 -2.55 -2.37 7.92
CA GLN A 30 -4.00 -2.27 7.97
C GLN A 30 -4.56 -1.95 6.58
N HIS A 31 -3.75 -1.34 5.74
CA HIS A 31 -4.17 -0.98 4.38
C HIS A 31 -3.97 -2.15 3.44
N ARG A 32 -2.93 -2.95 3.69
CA ARG A 32 -2.62 -4.10 2.86
C ARG A 32 -3.75 -5.14 2.92
N ARG A 33 -4.61 -5.00 3.92
CA ARG A 33 -5.73 -5.92 4.10
C ARG A 33 -6.57 -6.01 2.83
N ILE A 34 -6.55 -4.95 2.03
CA ILE A 34 -7.30 -4.92 0.79
C ILE A 34 -6.67 -5.82 -0.26
N HIS A 35 -5.36 -6.00 -0.18
CA HIS A 35 -4.63 -6.84 -1.12
C HIS A 35 -4.52 -8.27 -0.61
N THR A 36 -4.20 -8.40 0.68
CA THR A 36 -4.07 -9.72 1.29
C THR A 36 -5.37 -10.51 1.21
N GLY A 37 -5.41 -11.49 0.32
CA GLY A 37 -6.60 -12.30 0.16
C GLY A 37 -6.98 -12.49 -1.30
N GLU A 38 -6.01 -12.87 -2.12
CA GLU A 38 -6.25 -13.09 -3.54
C GLU A 38 -5.96 -14.54 -3.93
N LYS A 39 -6.72 -15.04 -4.90
CA LYS A 39 -6.56 -16.41 -5.36
C LYS A 39 -7.05 -16.56 -6.79
N PRO A 40 -6.56 -17.60 -7.49
CA PRO A 40 -6.94 -17.88 -8.87
C PRO A 40 -8.37 -18.37 -9.00
N SER A 41 -9.12 -17.77 -9.93
CA SER A 41 -10.52 -18.14 -10.13
C SER A 41 -10.68 -18.91 -11.44
N GLY A 42 -11.66 -19.81 -11.48
CA GLY A 42 -11.90 -20.60 -12.67
C GLY A 42 -12.33 -19.75 -13.85
N PRO A 43 -12.44 -20.39 -15.02
CA PRO A 43 -12.85 -19.70 -16.25
C PRO A 43 -14.31 -19.27 -16.22
N SER A 44 -14.55 -18.03 -15.83
CA SER A 44 -15.91 -17.51 -15.75
C SER A 44 -15.99 -16.11 -16.37
N SER A 45 -16.70 -16.01 -17.47
CA SER A 45 -16.86 -14.73 -18.17
C SER A 45 -15.50 -14.14 -18.53
N GLY A 46 -14.65 -14.96 -19.16
CA GLY A 46 -13.33 -14.50 -19.55
C GLY A 46 -13.18 -14.37 -21.05
N GLY A 1 -8.41 7.67 -13.64
CA GLY A 1 -8.76 8.86 -12.89
C GLY A 1 -7.55 9.65 -12.42
N SER A 2 -7.79 10.70 -11.66
CA SER A 2 -6.71 11.55 -11.15
C SER A 2 -6.66 11.49 -9.62
N SER A 3 -5.46 11.46 -9.08
CA SER A 3 -5.27 11.41 -7.63
C SER A 3 -3.81 11.62 -7.26
N GLY A 4 -3.58 12.35 -6.18
CA GLY A 4 -2.22 12.61 -5.73
C GLY A 4 -2.17 13.52 -4.51
N SER A 5 -1.88 12.93 -3.35
CA SER A 5 -1.81 13.70 -2.11
C SER A 5 -0.54 14.55 -2.07
N SER A 6 -0.44 15.39 -1.06
CA SER A 6 0.72 16.27 -0.90
C SER A 6 1.02 16.53 0.57
N GLY A 7 2.25 16.23 0.98
CA GLY A 7 2.64 16.44 2.36
C GLY A 7 4.14 16.49 2.54
N THR A 8 4.58 16.64 3.78
CA THR A 8 6.01 16.70 4.09
C THR A 8 6.40 15.69 5.15
N GLY A 9 7.50 14.98 4.94
CA GLY A 9 7.96 14.00 5.90
C GLY A 9 8.38 12.70 5.22
N GLU A 10 9.04 11.83 5.99
CA GLU A 10 9.51 10.56 5.46
C GLU A 10 8.41 9.51 5.53
N LYS A 11 8.38 8.61 4.55
CA LYS A 11 7.38 7.56 4.49
C LYS A 11 8.02 6.22 4.11
N PRO A 12 8.72 5.61 5.08
CA PRO A 12 9.39 4.32 4.87
C PRO A 12 8.40 3.17 4.72
N PHE A 13 7.15 3.42 5.11
CA PHE A 13 6.10 2.40 5.02
C PHE A 13 5.19 2.67 3.84
N ASP A 14 5.66 2.37 2.64
CA ASP A 14 4.87 2.57 1.43
C ASP A 14 4.42 1.23 0.84
N CYS A 15 3.11 1.08 0.68
CA CYS A 15 2.55 -0.15 0.13
C CYS A 15 3.16 -0.47 -1.22
N ILE A 16 3.85 -1.60 -1.30
CA ILE A 16 4.49 -2.02 -2.54
C ILE A 16 3.50 -2.73 -3.45
N ASP A 17 2.33 -3.07 -2.92
CA ASP A 17 1.29 -3.74 -3.68
C ASP A 17 0.65 -2.79 -4.68
N CYS A 18 0.26 -1.61 -4.22
CA CYS A 18 -0.37 -0.61 -5.06
C CYS A 18 0.57 0.58 -5.29
N GLY A 19 1.34 0.93 -4.26
CA GLY A 19 2.26 2.04 -4.37
C GLY A 19 1.88 3.19 -3.45
N LYS A 20 1.08 2.91 -2.44
CA LYS A 20 0.65 3.93 -1.49
C LYS A 20 1.77 4.29 -0.52
N ALA A 21 1.53 5.28 0.32
CA ALA A 21 2.51 5.72 1.30
C ALA A 21 1.90 5.84 2.69
N PHE A 22 2.69 5.51 3.70
CA PHE A 22 2.22 5.58 5.09
C PHE A 22 3.36 5.91 6.04
N SER A 23 3.06 6.66 7.09
CA SER A 23 4.08 7.05 8.07
C SER A 23 3.95 6.20 9.34
N ASP A 24 3.48 4.97 9.17
CA ASP A 24 3.32 4.06 10.31
C ASP A 24 3.12 2.63 9.82
N HIS A 25 3.85 1.70 10.42
CA HIS A 25 3.75 0.29 10.05
C HIS A 25 2.30 -0.17 10.09
N ILE A 26 1.65 0.00 11.24
CA ILE A 26 0.26 -0.40 11.40
C ILE A 26 -0.61 0.17 10.29
N GLY A 27 -0.45 1.46 10.01
CA GLY A 27 -1.22 2.10 8.97
C GLY A 27 -1.05 1.43 7.63
N LEU A 28 0.15 0.93 7.36
CA LEU A 28 0.44 0.26 6.10
C LEU A 28 -0.17 -1.14 6.07
N ASN A 29 0.17 -1.94 7.07
CA ASN A 29 -0.35 -3.30 7.16
C ASN A 29 -1.87 -3.32 7.11
N GLN A 30 -2.48 -2.44 7.90
CA GLN A 30 -3.94 -2.35 7.95
C GLN A 30 -4.51 -2.04 6.56
N HIS A 31 -3.69 -1.42 5.71
CA HIS A 31 -4.12 -1.08 4.36
C HIS A 31 -3.90 -2.25 3.40
N ARG A 32 -2.86 -3.03 3.66
CA ARG A 32 -2.54 -4.18 2.82
C ARG A 32 -3.66 -5.22 2.89
N ARG A 33 -4.52 -5.09 3.88
CA ARG A 33 -5.63 -6.02 4.06
C ARG A 33 -6.47 -6.11 2.79
N ILE A 34 -6.46 -5.04 1.99
CA ILE A 34 -7.21 -5.00 0.75
C ILE A 34 -6.58 -5.90 -0.30
N HIS A 35 -5.27 -6.08 -0.22
CA HIS A 35 -4.54 -6.92 -1.16
C HIS A 35 -4.44 -8.36 -0.65
N THR A 36 -4.10 -8.50 0.63
CA THR A 36 -3.98 -9.81 1.24
C THR A 36 -5.34 -10.48 1.43
N GLY A 37 -5.84 -11.08 0.36
CA GLY A 37 -7.14 -11.74 0.42
C GLY A 37 -7.91 -11.64 -0.88
N GLU A 38 -7.41 -12.31 -1.92
CA GLU A 38 -8.04 -12.29 -3.22
C GLU A 38 -9.07 -13.42 -3.34
N LYS A 39 -9.94 -13.32 -4.33
CA LYS A 39 -10.98 -14.32 -4.56
C LYS A 39 -10.76 -15.02 -5.90
N PRO A 40 -11.32 -16.24 -6.02
CA PRO A 40 -11.20 -17.03 -7.25
C PRO A 40 -12.01 -16.44 -8.40
N SER A 41 -11.32 -15.75 -9.31
CA SER A 41 -11.97 -15.13 -10.45
C SER A 41 -11.05 -15.14 -11.67
N GLY A 42 -11.65 -15.05 -12.86
CA GLY A 42 -10.87 -15.04 -14.08
C GLY A 42 -11.45 -15.95 -15.15
N PRO A 43 -10.88 -15.90 -16.35
CA PRO A 43 -11.34 -16.72 -17.49
C PRO A 43 -11.03 -18.19 -17.29
N SER A 44 -11.51 -19.02 -18.21
CA SER A 44 -11.30 -20.46 -18.15
C SER A 44 -10.16 -20.89 -19.08
N SER A 45 -8.96 -20.41 -18.78
CA SER A 45 -7.79 -20.75 -19.60
C SER A 45 -8.04 -20.42 -21.07
N GLY A 46 -8.61 -19.25 -21.32
CA GLY A 46 -8.90 -18.85 -22.68
C GLY A 46 -7.74 -18.12 -23.33
#